data_7E3D
#
_entry.id   7E3D
#
_cell.length_a   104.931
_cell.length_b   104.931
_cell.length_c   322.566
_cell.angle_alpha   90.000
_cell.angle_beta   90.000
_cell.angle_gamma   120.000
#
_symmetry.space_group_name_H-M   'P 31 2 1'
#
loop_
_entity.id
_entity.type
_entity.pdbx_description
1 polymer Acetylcholinesterase
2 branched 2-acetamido-2-deoxy-beta-D-glucopyranose-(1-4)-[alpha-L-fucopyranose-(1-6)]2-acetamido-2-deoxy-beta-D-glucopyranose
3 non-polymer 3,6,9,12,15,18,21-HEPTAOXATRICOSANE-1,23-DIOL
4 water water
#
_entity_poly.entity_id   1
_entity_poly.type   'polypeptide(L)'
_entity_poly.pdbx_seq_one_letter_code
;EDAELLVTVRGGRLRGIRLKTPGGPVSAFLGIPFAEPPMGPRRFLPPEPKQPWSGVVDATTFQSVCYQYVDTLYPGFEGT
EMWNPNRELSEDCLYLNVWTPYPRPTSPTPVLVWIYGGGFYSGASSLDVYDGRFLVQAERTVLVSMNYRVGAFGFLALPG
SREAPGNVGLLDQRLALQWVQENVAAFGGDPTSVTLFGESAGAASVGMHLLSPPSRGLFHRAVLQSGAPNGPWATVGMGE
ARRRATQLAHLVGCPPGGTGGNDTELVACLRTRPAQVLVNHEWHVLPQESVFRFSFVPVVDGDFLSDTPEALINAGDFHG
LQVLVGVVKDEGSYFLVYGAPGFSKDNESLISRAEFLAGVRVGVPQVSDLAAEAVVLHYTDWLHPEDPARLREALSDVVG
DHNVVCPVAQLAGRLAAQGARVYAYVFEHRASTLSWPLWMGVPHGYEIEFIFGIPLDPSRNYTAEEKIFAQRLMRYWANF
ARTGDPNEPRDPKAPQWPPYTAGAQQYVSLDLRPLEVRRGLRAQACAFWNRFLPKLLSAT
;
_entity_poly.pdbx_strand_id   A,B
#
loop_
_chem_comp.id
_chem_comp.type
_chem_comp.name
_chem_comp.formula
FUC L-saccharide, alpha linking alpha-L-fucopyranose 'C6 H12 O5'
NAG D-saccharide, beta linking 2-acetamido-2-deoxy-beta-D-glucopyranose 'C8 H15 N O6'
PE8 non-polymer 3,6,9,12,15,18,21-HEPTAOXATRICOSANE-1,23-DIOL 'C16 H34 O9'
#
# COMPACT_ATOMS: atom_id res chain seq x y z
N GLU A 1 -25.54 -59.73 23.20
CA GLU A 1 -24.63 -58.60 23.01
C GLU A 1 -24.76 -58.06 21.56
N ASP A 2 -24.30 -56.82 21.32
CA ASP A 2 -24.59 -56.15 20.05
C ASP A 2 -23.46 -56.34 19.07
N ALA A 3 -23.73 -57.14 18.02
CA ALA A 3 -22.74 -57.45 17.00
C ALA A 3 -22.37 -56.24 16.15
N GLU A 4 -23.22 -55.22 16.10
CA GLU A 4 -22.87 -54.05 15.30
C GLU A 4 -21.71 -53.28 15.91
N LEU A 5 -21.40 -53.54 17.18
CA LEU A 5 -20.33 -52.88 17.92
C LEU A 5 -19.08 -53.76 18.11
N LEU A 6 -18.99 -54.90 17.43
CA LEU A 6 -17.77 -55.70 17.40
C LEU A 6 -17.21 -55.65 15.99
N VAL A 7 -15.91 -55.38 15.84
CA VAL A 7 -15.38 -55.31 14.48
C VAL A 7 -14.00 -55.90 14.61
N THR A 8 -13.51 -56.54 13.57
CA THR A 8 -12.15 -57.05 13.58
C THR A 8 -11.33 -56.27 12.54
N VAL A 9 -10.26 -55.62 13.01
CA VAL A 9 -9.32 -54.93 12.13
C VAL A 9 -8.04 -55.75 12.11
N ARG A 10 -7.03 -55.31 11.34
CA ARG A 10 -5.84 -56.12 11.13
C ARG A 10 -5.15 -56.48 12.44
N GLY A 11 -5.24 -55.62 13.44
CA GLY A 11 -4.49 -55.92 14.63
C GLY A 11 -5.20 -56.76 15.65
N GLY A 12 -6.51 -57.00 15.47
CA GLY A 12 -7.29 -57.70 16.46
C GLY A 12 -8.72 -57.19 16.49
N ARG A 13 -9.44 -57.60 17.53
CA ARG A 13 -10.86 -57.33 17.71
C ARG A 13 -11.11 -56.09 18.57
N LEU A 14 -12.20 -55.38 18.26
CA LEU A 14 -12.61 -54.18 18.97
C LEU A 14 -14.07 -54.27 19.40
N ARG A 15 -14.37 -53.70 20.56
N ARG A 15 -14.38 -53.69 20.56
CA ARG A 15 -15.74 -53.46 21.02
CA ARG A 15 -15.75 -53.48 21.00
C ARG A 15 -15.99 -51.96 21.05
C ARG A 15 -16.01 -51.98 21.07
N GLY A 16 -17.00 -51.51 20.31
CA GLY A 16 -17.40 -50.12 20.31
C GLY A 16 -18.59 -49.84 21.21
N ILE A 17 -19.20 -48.68 20.97
CA ILE A 17 -20.33 -48.22 21.76
C ILE A 17 -21.35 -47.58 20.84
N ARG A 18 -22.63 -47.67 21.22
CA ARG A 18 -23.70 -47.02 20.48
C ARG A 18 -23.99 -45.67 21.12
N LEU A 19 -24.11 -44.63 20.30
CA LEU A 19 -24.30 -43.27 20.76
C LEU A 19 -25.63 -42.73 20.25
N LYS A 20 -26.30 -41.93 21.07
CA LYS A 20 -27.55 -41.27 20.70
C LYS A 20 -27.30 -39.91 20.02
N THR A 21 -28.13 -39.59 19.04
CA THR A 21 -28.24 -38.27 18.45
C THR A 21 -29.73 -37.96 18.26
N PRO A 22 -30.10 -36.68 18.20
CA PRO A 22 -31.50 -36.31 17.92
C PRO A 22 -32.05 -36.94 16.65
N GLY A 23 -31.20 -37.44 15.74
CA GLY A 23 -31.67 -38.06 14.51
C GLY A 23 -31.59 -39.56 14.49
N GLY A 24 -31.16 -40.18 15.61
CA GLY A 24 -30.99 -41.61 15.64
C GLY A 24 -29.62 -42.03 16.15
N PRO A 25 -29.43 -43.34 16.33
CA PRO A 25 -28.15 -43.83 16.87
C PRO A 25 -27.02 -43.78 15.85
N VAL A 26 -25.82 -43.90 16.41
CA VAL A 26 -24.57 -43.92 15.67
C VAL A 26 -23.66 -44.93 16.36
N SER A 27 -22.79 -45.58 15.59
CA SER A 27 -21.77 -46.47 16.14
C SER A 27 -20.45 -45.71 16.28
N ALA A 28 -19.79 -45.84 17.42
CA ALA A 28 -18.53 -45.14 17.68
C ALA A 28 -17.49 -46.12 18.21
N PHE A 29 -16.32 -46.10 17.59
CA PHE A 29 -15.17 -46.87 18.05
C PHE A 29 -14.09 -45.86 18.44
N LEU A 30 -13.90 -45.66 19.74
CA LEU A 30 -13.06 -44.61 20.30
C LEU A 30 -11.87 -45.21 21.02
N GLY A 31 -10.69 -44.63 20.80
CA GLY A 31 -9.46 -45.10 21.41
C GLY A 31 -8.88 -46.36 20.81
N ILE A 32 -8.95 -46.50 19.48
CA ILE A 32 -8.32 -47.61 18.76
C ILE A 32 -6.82 -47.35 18.66
N PRO A 33 -5.95 -48.21 19.19
CA PRO A 33 -4.51 -47.96 19.06
C PRO A 33 -4.03 -48.18 17.62
N PHE A 34 -3.33 -47.19 17.07
CA PHE A 34 -2.78 -47.35 15.73
C PHE A 34 -1.26 -47.27 15.70
N ALA A 35 -0.62 -46.98 16.83
CA ALA A 35 0.84 -47.01 16.90
C ALA A 35 1.27 -47.62 18.24
N GLU A 36 2.49 -48.14 18.24
CA GLU A 36 3.11 -48.48 19.52
C GLU A 36 3.29 -47.21 20.35
N PRO A 37 3.00 -47.25 21.65
CA PRO A 37 3.16 -46.03 22.48
C PRO A 37 4.57 -45.47 22.32
N PRO A 38 4.69 -44.21 21.88
CA PRO A 38 6.01 -43.59 21.64
C PRO A 38 6.65 -43.10 22.94
N MET A 39 6.92 -44.04 23.84
CA MET A 39 7.43 -43.82 25.19
C MET A 39 8.92 -44.13 25.28
N GLY A 40 9.53 -43.62 26.35
CA GLY A 40 10.89 -43.95 26.71
C GLY A 40 11.87 -43.75 25.56
N PRO A 41 12.52 -44.82 25.12
CA PRO A 41 13.45 -44.69 24.00
C PRO A 41 12.78 -44.24 22.71
N ARG A 42 11.46 -44.46 22.59
CA ARG A 42 10.72 -44.07 21.39
C ARG A 42 10.27 -42.62 21.36
N ARG A 43 10.54 -41.82 22.40
CA ARG A 43 10.21 -40.40 22.35
C ARG A 43 11.02 -39.71 21.26
N PHE A 44 10.35 -38.85 20.48
CA PHE A 44 10.88 -38.15 19.31
C PHE A 44 11.10 -39.06 18.10
N LEU A 45 10.78 -40.35 18.19
CA LEU A 45 11.03 -41.20 17.04
C LEU A 45 9.78 -41.34 16.18
N PRO A 46 9.95 -41.68 14.91
CA PRO A 46 8.78 -41.99 14.05
C PRO A 46 7.90 -43.04 14.68
N PRO A 47 6.59 -43.01 14.44
CA PRO A 47 5.69 -44.01 15.04
C PRO A 47 5.93 -45.41 14.50
N GLU A 48 5.85 -46.41 15.39
CA GLU A 48 5.81 -47.76 14.84
C GLU A 48 4.37 -48.28 14.83
N PRO A 49 4.00 -49.06 13.83
CA PRO A 49 2.64 -49.62 13.79
C PRO A 49 2.34 -50.47 15.02
N LYS A 50 1.08 -50.43 15.43
CA LYS A 50 0.64 -51.18 16.59
C LYS A 50 0.77 -52.67 16.34
N GLN A 51 1.46 -53.35 17.24
N GLN A 51 1.48 -53.36 17.22
CA GLN A 51 1.57 -54.80 17.15
CA GLN A 51 1.56 -54.80 17.10
C GLN A 51 0.21 -55.43 17.42
C GLN A 51 0.21 -55.43 17.41
N PRO A 52 -0.14 -56.52 16.73
CA PRO A 52 -1.40 -57.21 17.00
C PRO A 52 -1.57 -57.61 18.45
N TRP A 53 -2.84 -57.74 18.86
CA TRP A 53 -3.23 -58.06 20.23
C TRP A 53 -4.24 -59.20 20.23
N SER A 54 -4.22 -59.97 21.29
CA SER A 54 -5.26 -60.95 21.51
C SER A 54 -6.38 -60.34 22.35
N GLY A 55 -7.53 -60.99 22.35
CA GLY A 55 -8.66 -60.46 23.06
C GLY A 55 -9.30 -59.28 22.35
N VAL A 56 -10.14 -58.57 23.10
CA VAL A 56 -10.99 -57.52 22.56
C VAL A 56 -10.58 -56.20 23.20
N VAL A 57 -10.05 -55.29 22.39
CA VAL A 57 -9.69 -53.97 22.90
C VAL A 57 -10.96 -53.17 23.10
N ASP A 58 -11.10 -52.57 24.29
CA ASP A 58 -12.26 -51.76 24.63
C ASP A 58 -12.18 -50.41 23.91
N ALA A 59 -13.05 -50.21 22.93
CA ALA A 59 -13.10 -48.96 22.19
C ALA A 59 -14.36 -48.15 22.50
N THR A 60 -14.66 -47.93 23.78
CA THR A 60 -15.91 -47.28 24.16
C THR A 60 -15.68 -45.92 24.79
N THR A 61 -14.45 -45.46 24.84
CA THR A 61 -14.20 -44.15 25.42
C THR A 61 -12.93 -43.57 24.82
N PHE A 62 -12.87 -42.23 24.81
CA PHE A 62 -11.70 -41.52 24.32
C PHE A 62 -10.46 -41.88 25.13
N GLN A 63 -9.35 -42.00 24.44
CA GLN A 63 -8.09 -42.29 25.11
C GLN A 63 -7.38 -40.98 25.50
N SER A 64 -6.18 -41.12 26.03
CA SER A 64 -5.47 -40.00 26.61
C SER A 64 -5.09 -38.94 25.55
N VAL A 65 -4.94 -37.69 26.02
CA VAL A 65 -4.51 -36.56 25.20
C VAL A 65 -2.99 -36.53 25.16
N CYS A 66 -2.43 -36.27 23.98
CA CYS A 66 -0.98 -36.16 23.86
C CYS A 66 -0.51 -34.98 24.69
N TYR A 67 0.67 -35.14 25.32
CA TYR A 67 1.20 -34.11 26.22
C TYR A 67 1.32 -32.74 25.55
N GLN A 68 0.84 -31.71 26.24
CA GLN A 68 0.70 -30.40 25.63
C GLN A 68 0.51 -29.33 26.70
N TYR A 69 0.93 -28.12 26.36
CA TYR A 69 0.71 -26.95 27.22
C TYR A 69 -0.78 -26.71 27.33
N VAL A 70 -1.23 -26.29 28.53
CA VAL A 70 -2.65 -26.03 28.81
C VAL A 70 -2.84 -24.53 29.03
N ASP A 71 -3.82 -23.95 28.35
CA ASP A 71 -4.06 -22.51 28.45
C ASP A 71 -4.60 -22.13 29.83
N THR A 72 -3.94 -21.19 30.49
CA THR A 72 -4.34 -20.69 31.80
C THR A 72 -4.57 -19.18 31.79
N LEU A 73 -4.81 -18.60 30.61
CA LEU A 73 -4.96 -17.15 30.51
C LEU A 73 -6.28 -16.66 31.09
N TYR A 74 -7.33 -17.47 31.06
CA TYR A 74 -8.63 -17.10 31.63
C TYR A 74 -9.25 -18.31 32.32
N PRO A 75 -8.71 -18.70 33.48
CA PRO A 75 -9.14 -19.96 34.09
C PRO A 75 -10.65 -20.06 34.25
N GLY A 76 -11.21 -21.17 33.76
CA GLY A 76 -12.63 -21.41 33.77
C GLY A 76 -13.44 -20.73 32.67
N PHE A 77 -12.83 -19.90 31.83
CA PHE A 77 -13.52 -19.28 30.71
C PHE A 77 -13.79 -20.30 29.62
N GLU A 78 -15.05 -20.43 29.21
CA GLU A 78 -15.41 -21.40 28.17
C GLU A 78 -14.64 -21.15 26.87
N GLY A 79 -14.33 -19.88 26.57
CA GLY A 79 -13.70 -19.56 25.29
C GLY A 79 -12.31 -20.13 25.14
N THR A 80 -11.58 -20.30 26.24
CA THR A 80 -10.32 -21.01 26.17
C THR A 80 -10.44 -22.47 26.60
N GLU A 81 -11.32 -22.80 27.55
CA GLU A 81 -11.33 -24.16 28.07
C GLU A 81 -11.79 -25.17 27.03
N MET A 82 -12.64 -24.76 26.08
CA MET A 82 -13.17 -25.69 25.08
C MET A 82 -12.05 -26.25 24.21
N TRP A 83 -10.88 -25.60 24.17
CA TRP A 83 -9.73 -26.06 23.43
C TRP A 83 -8.72 -26.79 24.30
N ASN A 84 -8.92 -26.83 25.62
CA ASN A 84 -7.96 -27.49 26.52
C ASN A 84 -8.25 -28.98 26.63
N PRO A 85 -7.28 -29.76 27.11
CA PRO A 85 -7.48 -31.22 27.16
C PRO A 85 -8.67 -31.60 28.04
N ASN A 86 -9.47 -32.54 27.56
CA ASN A 86 -10.57 -33.10 28.34
C ASN A 86 -10.37 -34.58 28.65
N ARG A 87 -9.12 -35.08 28.66
CA ARG A 87 -8.72 -36.38 29.22
C ARG A 87 -7.31 -36.21 29.79
N GLU A 88 -6.84 -37.14 30.64
CA GLU A 88 -5.49 -36.91 31.14
C GLU A 88 -4.49 -36.82 30.00
N LEU A 89 -3.39 -36.15 30.30
CA LEU A 89 -2.23 -36.14 29.44
C LEU A 89 -1.42 -37.42 29.57
N SER A 90 -0.95 -37.92 28.43
CA SER A 90 -0.03 -39.04 28.37
C SER A 90 0.76 -38.99 27.06
N GLU A 91 2.03 -39.40 27.12
CA GLU A 91 2.71 -39.69 25.88
C GLU A 91 2.12 -40.92 25.17
N ASP A 92 1.43 -41.80 25.91
CA ASP A 92 0.73 -42.96 25.33
C ASP A 92 -0.58 -42.42 24.76
N CYS A 93 -0.52 -41.82 23.59
CA CYS A 93 -1.70 -41.08 23.16
C CYS A 93 -2.10 -41.37 21.72
N LEU A 94 -1.40 -42.26 21.00
CA LEU A 94 -1.62 -42.47 19.57
C LEU A 94 -2.81 -43.43 19.36
N TYR A 95 -4.01 -42.88 19.53
CA TYR A 95 -5.26 -43.57 19.26
C TYR A 95 -6.04 -42.78 18.22
N LEU A 96 -6.95 -43.46 17.54
CA LEU A 96 -7.86 -42.82 16.58
C LEU A 96 -9.28 -43.31 16.86
N ASN A 97 -10.26 -42.62 16.28
CA ASN A 97 -11.67 -42.84 16.53
C ASN A 97 -12.42 -43.01 15.23
N VAL A 98 -13.39 -43.93 15.19
CA VAL A 98 -14.24 -44.12 14.02
C VAL A 98 -15.71 -43.99 14.43
N TRP A 99 -16.45 -43.16 13.69
CA TRP A 99 -17.89 -43.03 13.81
C TRP A 99 -18.54 -43.52 12.51
N THR A 100 -19.60 -44.30 12.64
CA THR A 100 -20.29 -44.88 11.48
C THR A 100 -21.78 -44.84 11.75
N PRO A 101 -22.59 -44.88 10.68
CA PRO A 101 -24.05 -45.00 10.87
C PRO A 101 -24.38 -46.29 11.60
N TYR A 102 -25.59 -46.31 12.19
CA TYR A 102 -26.13 -47.47 12.86
C TYR A 102 -27.39 -47.95 12.14
N PRO A 103 -27.45 -49.24 11.73
CA PRO A 103 -26.37 -50.22 11.91
C PRO A 103 -25.24 -49.90 10.96
N ARG A 104 -24.04 -50.44 11.17
CA ARG A 104 -22.90 -50.12 10.32
C ARG A 104 -23.28 -50.29 8.85
N PRO A 105 -22.84 -49.38 7.97
CA PRO A 105 -23.18 -49.50 6.55
C PRO A 105 -22.64 -50.81 6.00
N THR A 106 -23.36 -51.37 5.04
CA THR A 106 -22.94 -52.62 4.43
C THR A 106 -22.38 -52.45 3.02
N SER A 107 -22.51 -51.27 2.42
CA SER A 107 -21.84 -50.92 1.18
C SER A 107 -20.92 -49.72 1.42
N PRO A 108 -19.88 -49.54 0.58
CA PRO A 108 -18.85 -48.54 0.89
C PRO A 108 -19.40 -47.12 1.04
N THR A 109 -19.05 -46.50 2.16
CA THR A 109 -19.50 -45.20 2.59
C THR A 109 -18.33 -44.23 2.53
N PRO A 110 -18.50 -43.00 2.03
CA PRO A 110 -17.35 -42.07 1.92
C PRO A 110 -16.83 -41.66 3.29
N VAL A 111 -15.52 -41.43 3.36
CA VAL A 111 -14.82 -41.25 4.63
C VAL A 111 -14.27 -39.82 4.75
N LEU A 112 -14.58 -39.18 5.87
CA LEU A 112 -13.99 -37.91 6.28
C LEU A 112 -12.96 -38.16 7.37
N VAL A 113 -11.77 -37.57 7.24
CA VAL A 113 -10.71 -37.76 8.22
C VAL A 113 -10.34 -36.39 8.77
N TRP A 114 -10.62 -36.19 10.05
CA TRP A 114 -10.40 -34.91 10.74
C TRP A 114 -9.00 -34.86 11.36
N ILE A 115 -8.27 -33.79 11.09
CA ILE A 115 -6.99 -33.50 11.74
C ILE A 115 -7.17 -32.20 12.52
N TYR A 116 -7.07 -32.28 13.85
CA TYR A 116 -7.36 -31.12 14.67
C TYR A 116 -6.22 -30.11 14.59
N GLY A 117 -6.55 -28.84 14.85
CA GLY A 117 -5.56 -27.78 14.99
C GLY A 117 -5.12 -27.64 16.44
N GLY A 118 -4.41 -26.53 16.71
CA GLY A 118 -3.79 -26.31 18.00
C GLY A 118 -2.35 -25.83 17.94
N GLY A 119 -1.98 -25.14 16.85
CA GLY A 119 -0.66 -24.56 16.64
C GLY A 119 0.47 -25.56 16.56
N PHE A 120 0.15 -26.83 16.35
CA PHE A 120 1.08 -27.96 16.48
C PHE A 120 1.60 -28.12 17.92
N TYR A 121 1.05 -27.38 18.88
CA TYR A 121 1.48 -27.51 20.28
C TYR A 121 0.39 -28.03 21.20
N SER A 122 -0.84 -28.17 20.72
CA SER A 122 -1.97 -28.54 21.54
C SER A 122 -3.00 -29.21 20.63
N GLY A 123 -4.11 -29.64 21.22
CA GLY A 123 -5.21 -30.25 20.48
C GLY A 123 -5.49 -31.69 20.87
N ALA A 124 -6.67 -32.18 20.49
CA ALA A 124 -7.03 -33.55 20.85
C ALA A 124 -8.23 -33.97 20.03
N SER A 125 -8.28 -35.26 19.71
CA SER A 125 -9.39 -35.75 18.91
C SER A 125 -10.67 -35.87 19.72
N SER A 126 -10.57 -35.77 21.05
CA SER A 126 -11.67 -36.01 21.99
C SER A 126 -12.43 -34.76 22.37
N LEU A 127 -12.03 -33.59 21.89
CA LEU A 127 -12.72 -32.36 22.26
C LEU A 127 -14.18 -32.43 21.86
N ASP A 128 -15.06 -31.87 22.72
CA ASP A 128 -16.49 -31.91 22.43
C ASP A 128 -16.82 -31.33 21.07
N VAL A 129 -16.07 -30.31 20.65
CA VAL A 129 -16.39 -29.63 19.40
C VAL A 129 -16.04 -30.46 18.17
N TYR A 130 -15.33 -31.58 18.32
CA TYR A 130 -15.05 -32.46 17.19
C TYR A 130 -15.87 -33.75 17.21
N ASP A 131 -16.96 -33.79 17.98
CA ASP A 131 -17.81 -34.98 18.03
C ASP A 131 -18.38 -35.31 16.66
N GLY A 132 -18.02 -36.49 16.13
CA GLY A 132 -18.42 -36.88 14.80
C GLY A 132 -19.83 -37.40 14.65
N ARG A 133 -20.59 -37.50 15.76
CA ARG A 133 -21.82 -38.27 15.73
C ARG A 133 -22.88 -37.61 14.85
N PHE A 134 -22.96 -36.27 14.84
CA PHE A 134 -23.99 -35.60 14.04
C PHE A 134 -23.69 -35.67 12.54
N LEU A 135 -22.42 -35.46 12.15
CA LEU A 135 -22.07 -35.54 10.74
C LEU A 135 -22.40 -36.91 10.18
N VAL A 136 -22.08 -37.94 10.96
CA VAL A 136 -22.25 -39.29 10.46
C VAL A 136 -23.73 -39.64 10.37
N GLN A 137 -24.53 -39.25 11.35
CA GLN A 137 -25.96 -39.54 11.29
C GLN A 137 -26.65 -38.74 10.18
N ALA A 138 -26.33 -37.45 10.08
CA ALA A 138 -27.06 -36.59 9.15
C ALA A 138 -26.63 -36.80 7.70
N GLU A 139 -25.36 -37.13 7.46
CA GLU A 139 -24.83 -37.18 6.11
C GLU A 139 -24.32 -38.56 5.73
N ARG A 140 -24.44 -39.55 6.61
CA ARG A 140 -24.14 -40.94 6.31
C ARG A 140 -22.75 -41.09 5.72
N THR A 141 -21.77 -40.54 6.42
CA THR A 141 -20.35 -40.68 6.17
C THR A 141 -19.73 -41.59 7.22
N VAL A 142 -18.53 -42.05 6.97
CA VAL A 142 -17.68 -42.56 8.03
C VAL A 142 -16.70 -41.46 8.42
N LEU A 143 -16.57 -41.19 9.72
CA LEU A 143 -15.69 -40.14 10.20
C LEU A 143 -14.61 -40.76 11.06
N VAL A 144 -13.35 -40.40 10.76
CA VAL A 144 -12.18 -40.82 11.52
C VAL A 144 -11.46 -39.56 12.00
N SER A 145 -10.99 -39.60 13.25
CA SER A 145 -10.11 -38.58 13.78
C SER A 145 -9.00 -39.28 14.54
N MET A 146 -7.79 -38.72 14.49
CA MET A 146 -6.66 -39.31 15.17
C MET A 146 -6.01 -38.31 16.11
N ASN A 147 -5.38 -38.83 17.16
CA ASN A 147 -4.43 -38.04 17.94
C ASN A 147 -3.06 -38.11 17.27
N TYR A 148 -2.32 -37.01 17.34
CA TYR A 148 -0.95 -36.97 16.84
C TYR A 148 -0.10 -36.15 17.79
N ARG A 149 1.16 -36.53 17.91
CA ARG A 149 2.04 -35.85 18.85
C ARG A 149 2.21 -34.36 18.49
N VAL A 150 2.20 -33.51 19.52
CA VAL A 150 2.37 -32.07 19.33
C VAL A 150 3.54 -31.57 20.18
N GLY A 151 3.82 -30.26 20.11
CA GLY A 151 4.92 -29.69 20.88
C GLY A 151 6.24 -30.37 20.54
N ALA A 152 7.15 -30.39 21.52
CA ALA A 152 8.44 -31.05 21.30
C ALA A 152 8.27 -32.51 20.93
N PHE A 153 7.28 -33.19 21.52
CA PHE A 153 7.10 -34.63 21.30
C PHE A 153 6.73 -34.93 19.85
N GLY A 154 6.13 -33.98 19.16
CA GLY A 154 5.76 -34.21 17.78
C GLY A 154 6.71 -33.56 16.80
N PHE A 155 7.41 -32.50 17.22
CA PHE A 155 8.09 -31.67 16.21
C PHE A 155 9.45 -31.15 16.61
N LEU A 156 10.00 -31.51 17.77
CA LEU A 156 11.40 -31.18 18.06
C LEU A 156 12.27 -31.84 17.01
N ALA A 157 13.18 -31.07 16.42
CA ALA A 157 14.02 -31.55 15.33
C ALA A 157 15.46 -31.16 15.58
N LEU A 158 16.36 -32.15 15.51
CA LEU A 158 17.79 -31.93 15.33
C LEU A 158 18.09 -32.44 13.93
N PRO A 159 17.94 -31.61 12.90
CA PRO A 159 17.97 -32.11 11.52
C PRO A 159 19.28 -32.81 11.21
N GLY A 160 19.17 -33.95 10.51
CA GLY A 160 20.27 -34.84 10.28
C GLY A 160 20.34 -36.01 11.24
N SER A 161 19.83 -35.84 12.47
CA SER A 161 19.97 -36.86 13.50
C SER A 161 18.94 -37.98 13.33
N ARG A 162 19.36 -39.19 13.69
CA ARG A 162 18.41 -40.29 13.70
C ARG A 162 17.57 -40.30 14.97
N GLU A 163 18.01 -39.61 16.02
CA GLU A 163 17.36 -39.66 17.32
C GLU A 163 16.22 -38.66 17.46
N ALA A 164 16.27 -37.52 16.78
CA ALA A 164 15.19 -36.53 16.78
C ALA A 164 15.03 -35.96 15.38
N PRO A 165 14.54 -36.76 14.43
CA PRO A 165 14.56 -36.33 13.02
C PRO A 165 13.55 -35.26 12.68
N GLY A 166 12.60 -34.96 13.55
CA GLY A 166 11.54 -34.01 13.26
C GLY A 166 10.40 -34.62 12.47
N ASN A 167 9.26 -33.93 12.53
CA ASN A 167 8.04 -34.22 11.79
C ASN A 167 7.37 -35.53 12.21
N VAL A 168 7.73 -36.10 13.36
CA VAL A 168 7.14 -37.39 13.69
C VAL A 168 5.64 -37.24 13.99
N GLY A 169 5.21 -36.08 14.48
CA GLY A 169 3.78 -35.83 14.60
C GLY A 169 3.06 -35.90 13.25
N LEU A 170 3.72 -35.42 12.18
CA LEU A 170 3.14 -35.55 10.86
C LEU A 170 3.12 -37.01 10.42
N LEU A 171 4.14 -37.79 10.81
CA LEU A 171 4.12 -39.22 10.50
C LEU A 171 3.06 -39.95 11.31
N ASP A 172 2.75 -39.44 12.52
CA ASP A 172 1.61 -39.96 13.28
C ASP A 172 0.35 -39.85 12.45
N GLN A 173 0.12 -38.68 11.83
CA GLN A 173 -1.03 -38.52 10.96
C GLN A 173 -0.98 -39.48 9.77
N ARG A 174 0.18 -39.59 9.11
CA ARG A 174 0.31 -40.46 7.94
C ARG A 174 -0.01 -41.91 8.30
N LEU A 175 0.49 -42.38 9.45
CA LEU A 175 0.22 -43.76 9.87
C LEU A 175 -1.28 -43.98 10.08
N ALA A 176 -1.96 -43.01 10.69
CA ALA A 176 -3.41 -43.10 10.85
C ALA A 176 -4.10 -43.20 9.50
N LEU A 177 -3.66 -42.38 8.54
CA LEU A 177 -4.22 -42.44 7.18
C LEU A 177 -3.92 -43.79 6.53
N GLN A 178 -2.73 -44.36 6.80
CA GLN A 178 -2.46 -45.73 6.36
C GLN A 178 -3.37 -46.73 7.07
N TRP A 179 -3.60 -46.50 8.38
CA TRP A 179 -4.54 -47.35 9.10
C TRP A 179 -5.92 -47.30 8.45
N VAL A 180 -6.34 -46.11 8.03
CA VAL A 180 -7.66 -45.96 7.40
C VAL A 180 -7.72 -46.78 6.11
N GLN A 181 -6.64 -46.76 5.31
CA GLN A 181 -6.62 -47.51 4.06
C GLN A 181 -6.83 -49.00 4.30
N GLU A 182 -6.18 -49.55 5.32
CA GLU A 182 -6.20 -50.98 5.57
C GLU A 182 -7.45 -51.46 6.31
N ASN A 183 -8.07 -50.60 7.12
CA ASN A 183 -9.05 -51.07 8.09
C ASN A 183 -10.42 -50.41 7.99
N VAL A 184 -10.57 -49.31 7.25
CA VAL A 184 -11.83 -48.58 7.36
C VAL A 184 -12.95 -49.36 6.69
N ALA A 185 -12.63 -50.26 5.74
CA ALA A 185 -13.68 -51.06 5.11
C ALA A 185 -14.36 -51.96 6.13
N ALA A 186 -13.64 -52.40 7.16
CA ALA A 186 -14.24 -53.22 8.21
C ALA A 186 -15.33 -52.48 8.97
N PHE A 187 -15.42 -51.14 8.84
CA PHE A 187 -16.49 -50.37 9.47
C PHE A 187 -17.55 -49.91 8.47
N GLY A 188 -17.41 -50.27 7.18
CA GLY A 188 -18.30 -49.80 6.15
C GLY A 188 -17.73 -48.65 5.35
N GLY A 189 -16.53 -48.20 5.67
CA GLY A 189 -15.96 -47.08 4.96
C GLY A 189 -15.30 -47.51 3.68
N ASP A 190 -15.28 -46.58 2.73
CA ASP A 190 -14.70 -46.79 1.41
C ASP A 190 -13.29 -46.20 1.40
N PRO A 191 -12.24 -47.02 1.41
CA PRO A 191 -10.87 -46.46 1.38
C PRO A 191 -10.54 -45.72 0.10
N THR A 192 -11.38 -45.81 -0.94
CA THR A 192 -11.13 -45.13 -2.20
C THR A 192 -11.79 -43.76 -2.29
N SER A 193 -12.48 -43.33 -1.22
CA SER A 193 -13.10 -42.01 -1.11
C SER A 193 -12.79 -41.45 0.29
N VAL A 194 -11.59 -40.93 0.46
CA VAL A 194 -11.14 -40.39 1.74
C VAL A 194 -10.88 -38.89 1.57
N THR A 195 -11.63 -38.07 2.31
CA THR A 195 -11.50 -36.62 2.31
C THR A 195 -10.84 -36.19 3.62
N LEU A 196 -9.67 -35.55 3.52
CA LEU A 196 -9.04 -34.89 4.65
C LEU A 196 -9.68 -33.53 4.92
N PHE A 197 -9.88 -33.21 6.20
CA PHE A 197 -10.23 -31.84 6.56
C PHE A 197 -9.65 -31.51 7.93
N GLY A 198 -9.35 -30.23 8.11
CA GLY A 198 -8.68 -29.77 9.32
C GLY A 198 -8.78 -28.27 9.40
N GLU A 199 -8.47 -27.76 10.60
CA GLU A 199 -8.56 -26.34 10.90
C GLU A 199 -7.26 -25.87 11.54
N SER A 200 -6.87 -24.62 11.27
CA SER A 200 -5.60 -24.03 11.79
C SER A 200 -4.46 -24.99 11.47
N ALA A 201 -3.65 -25.37 12.47
CA ALA A 201 -2.58 -26.33 12.21
C ALA A 201 -3.10 -27.60 11.55
N GLY A 202 -4.36 -27.98 11.81
CA GLY A 202 -4.96 -29.11 11.11
C GLY A 202 -5.06 -28.92 9.61
N ALA A 203 -5.45 -27.72 9.17
CA ALA A 203 -5.46 -27.41 7.74
C ALA A 203 -4.03 -27.36 7.18
N ALA A 204 -3.11 -26.78 7.93
CA ALA A 204 -1.71 -26.81 7.48
C ALA A 204 -1.23 -28.24 7.33
N SER A 205 -1.63 -29.10 8.27
CA SER A 205 -1.32 -30.52 8.18
C SER A 205 -1.90 -31.12 6.89
N VAL A 206 -3.18 -30.89 6.63
CA VAL A 206 -3.78 -31.35 5.37
C VAL A 206 -2.94 -30.91 4.19
N GLY A 207 -2.61 -29.62 4.12
CA GLY A 207 -1.85 -29.13 2.98
C GLY A 207 -0.50 -29.80 2.86
N MET A 208 0.13 -30.12 3.99
CA MET A 208 1.43 -30.77 3.93
C MET A 208 1.33 -32.17 3.34
N HIS A 209 0.24 -32.90 3.67
CA HIS A 209 0.01 -34.20 3.04
C HIS A 209 -0.28 -34.06 1.55
N LEU A 210 -0.86 -32.94 1.10
CA LEU A 210 -0.99 -32.69 -0.34
C LEU A 210 0.36 -32.60 -1.01
N LEU A 211 1.35 -32.03 -0.31
CA LEU A 211 2.65 -31.71 -0.87
C LEU A 211 3.72 -32.73 -0.54
N SER A 212 3.33 -33.87 0.03
CA SER A 212 4.31 -34.93 0.29
C SER A 212 3.85 -36.20 -0.40
N PRO A 213 4.57 -36.69 -1.42
CA PRO A 213 4.07 -37.82 -2.23
C PRO A 213 3.67 -39.03 -1.42
N PRO A 214 4.43 -39.44 -0.39
CA PRO A 214 4.01 -40.64 0.37
C PRO A 214 2.61 -40.55 1.00
N SER A 215 2.15 -39.34 1.35
CA SER A 215 0.79 -39.16 1.87
C SER A 215 -0.25 -38.96 0.77
N ARG A 216 0.17 -38.49 -0.39
CA ARG A 216 -0.76 -38.05 -1.41
C ARG A 216 -1.59 -39.23 -1.94
N GLY A 217 -1.08 -40.46 -1.84
CA GLY A 217 -1.83 -41.63 -2.23
C GLY A 217 -2.77 -42.18 -1.18
N LEU A 218 -2.83 -41.57 0.01
CA LEU A 218 -3.66 -42.08 1.09
C LEU A 218 -5.00 -41.36 1.21
N PHE A 219 -5.28 -40.38 0.35
CA PHE A 219 -6.55 -39.68 0.37
C PHE A 219 -6.80 -39.09 -1.01
N HIS A 220 -8.00 -38.54 -1.19
CA HIS A 220 -8.50 -38.14 -2.50
C HIS A 220 -8.94 -36.69 -2.60
N ARG A 221 -9.39 -36.07 -1.52
CA ARG A 221 -9.86 -34.69 -1.53
C ARG A 221 -9.42 -34.04 -0.24
N ALA A 222 -9.42 -32.70 -0.22
CA ALA A 222 -8.86 -31.98 0.90
C ALA A 222 -9.68 -30.75 1.24
N VAL A 223 -9.79 -30.49 2.54
CA VAL A 223 -10.49 -29.30 3.09
C VAL A 223 -9.51 -28.60 4.01
N LEU A 224 -9.22 -27.33 3.77
CA LEU A 224 -8.31 -26.56 4.59
C LEU A 224 -9.11 -25.39 5.15
N GLN A 225 -9.44 -25.44 6.44
CA GLN A 225 -10.21 -24.40 7.11
C GLN A 225 -9.25 -23.52 7.93
N SER A 226 -9.15 -22.24 7.54
CA SER A 226 -8.41 -21.22 8.31
C SER A 226 -6.96 -21.63 8.55
N GLY A 227 -6.32 -22.17 7.53
CA GLY A 227 -4.97 -22.67 7.69
C GLY A 227 -4.42 -23.17 6.36
N ALA A 228 -3.10 -23.16 6.27
CA ALA A 228 -2.41 -23.46 5.01
C ALA A 228 -0.98 -23.85 5.34
N PRO A 229 -0.39 -24.77 4.56
CA PRO A 229 0.99 -25.19 4.86
C PRO A 229 2.03 -24.08 4.64
N ASN A 230 1.71 -23.07 3.83
CA ASN A 230 2.58 -21.95 3.54
C ASN A 230 2.45 -20.81 4.55
N GLY A 231 1.64 -20.98 5.60
CA GLY A 231 1.62 -19.99 6.66
C GLY A 231 3.01 -19.72 7.25
N PRO A 232 3.35 -18.45 7.53
CA PRO A 232 4.67 -18.15 8.12
C PRO A 232 4.90 -18.82 9.48
N TRP A 233 3.88 -19.41 10.08
CA TRP A 233 3.98 -20.08 11.37
C TRP A 233 4.04 -21.60 11.26
N ALA A 234 3.68 -22.15 10.08
CA ALA A 234 3.45 -23.59 9.92
C ALA A 234 4.72 -24.41 9.71
N THR A 235 5.79 -23.79 9.24
CA THR A 235 7.05 -24.50 9.06
C THR A 235 8.18 -23.68 9.68
N VAL A 236 9.26 -24.37 9.97
CA VAL A 236 10.47 -23.74 10.46
C VAL A 236 11.62 -24.31 9.64
N GLY A 237 12.73 -23.52 9.54
CA GLY A 237 13.91 -23.98 8.83
C GLY A 237 14.83 -24.82 9.69
N MET A 238 15.72 -25.55 9.03
CA MET A 238 16.58 -26.51 9.72
C MET A 238 17.39 -25.84 10.81
N GLY A 239 18.01 -24.70 10.49
CA GLY A 239 18.88 -24.03 11.45
C GLY A 239 18.12 -23.53 12.67
N GLU A 240 16.95 -22.92 12.46
CA GLU A 240 16.17 -22.42 13.59
C GLU A 240 15.52 -23.56 14.38
N ALA A 241 15.18 -24.66 13.73
CA ALA A 241 14.72 -25.83 14.46
C ALA A 241 15.82 -26.35 15.38
N ARG A 242 17.05 -26.44 14.85
CA ARG A 242 18.18 -26.87 15.65
C ARG A 242 18.43 -25.89 16.79
N ARG A 243 18.29 -24.61 16.53
CA ARG A 243 18.52 -23.66 17.61
C ARG A 243 17.51 -23.85 18.72
N ARG A 244 16.23 -24.06 18.35
CA ARG A 244 15.18 -24.19 19.34
C ARG A 244 15.30 -25.50 20.13
N ALA A 245 15.59 -26.61 19.45
CA ALA A 245 15.83 -27.86 20.15
C ALA A 245 17.01 -27.72 21.10
N THR A 246 18.08 -27.04 20.67
CA THR A 246 19.26 -26.89 21.53
C THR A 246 18.94 -26.03 22.75
N GLN A 247 18.20 -24.94 22.56
N GLN A 247 18.17 -24.96 22.57
CA GLN A 247 17.88 -24.10 23.71
CA GLN A 247 17.87 -24.07 23.69
C GLN A 247 16.97 -24.82 24.69
C GLN A 247 16.88 -24.73 24.66
N LEU A 248 16.02 -25.62 24.17
CA LEU A 248 15.16 -26.38 25.07
C LEU A 248 15.99 -27.28 25.97
N ALA A 249 16.96 -27.99 25.36
CA ALA A 249 17.86 -28.83 26.15
C ALA A 249 18.55 -28.01 27.24
N HIS A 250 19.04 -26.83 26.88
CA HIS A 250 19.73 -25.99 27.85
C HIS A 250 18.81 -25.62 29.00
N LEU A 251 17.58 -25.22 28.68
CA LEU A 251 16.61 -24.78 29.68
C LEU A 251 16.18 -25.89 30.64
N VAL A 252 16.42 -27.16 30.31
CA VAL A 252 15.98 -28.25 31.16
C VAL A 252 17.15 -29.05 31.71
N GLY A 253 18.37 -28.50 31.63
CA GLY A 253 19.51 -29.09 32.30
C GLY A 253 20.28 -30.12 31.52
N CYS A 254 20.19 -30.11 30.21
CA CYS A 254 20.81 -31.08 29.30
C CYS A 254 21.91 -30.43 28.48
N PRO A 255 23.02 -31.15 28.19
CA PRO A 255 24.15 -30.58 27.47
C PRO A 255 23.81 -30.22 26.02
N ASN A 262 27.10 -33.05 20.68
CA ASN A 262 26.73 -34.34 20.11
C ASN A 262 25.21 -34.51 20.18
N ASP A 263 24.59 -34.76 19.01
CA ASP A 263 23.13 -34.87 18.93
C ASP A 263 22.61 -36.04 19.78
N THR A 264 23.29 -37.18 19.73
CA THR A 264 22.87 -38.36 20.48
C THR A 264 22.80 -38.09 21.98
N GLU A 265 23.84 -37.47 22.53
CA GLU A 265 23.88 -37.19 23.96
C GLU A 265 22.77 -36.23 24.35
N LEU A 266 22.49 -35.27 23.47
CA LEU A 266 21.50 -34.25 23.77
C LEU A 266 20.10 -34.85 23.85
N VAL A 267 19.73 -35.70 22.89
CA VAL A 267 18.41 -36.32 22.89
C VAL A 267 18.30 -37.36 24.01
N ALA A 268 19.39 -38.09 24.27
CA ALA A 268 19.35 -39.06 25.36
C ALA A 268 18.96 -38.38 26.67
N CYS A 269 19.49 -37.19 26.91
CA CYS A 269 19.19 -36.45 28.12
C CYS A 269 17.79 -35.87 28.09
N LEU A 270 17.33 -35.44 26.91
CA LEU A 270 15.93 -35.01 26.80
C LEU A 270 14.98 -36.16 27.11
N ARG A 271 15.32 -37.37 26.66
CA ARG A 271 14.44 -38.52 26.88
C ARG A 271 14.32 -38.86 28.37
N THR A 272 15.28 -38.46 29.21
CA THR A 272 15.16 -38.74 30.63
C THR A 272 14.25 -37.77 31.36
N ARG A 273 13.91 -36.64 30.74
CA ARG A 273 13.14 -35.63 31.43
C ARG A 273 11.65 -35.98 31.42
N PRO A 274 10.94 -35.77 32.53
CA PRO A 274 9.48 -35.94 32.50
C PRO A 274 8.86 -35.07 31.41
N ALA A 275 7.84 -35.62 30.74
CA ALA A 275 7.17 -34.91 29.66
C ALA A 275 6.78 -33.49 30.07
N GLN A 276 6.20 -33.35 31.28
CA GLN A 276 5.69 -32.04 31.69
C GLN A 276 6.83 -31.00 31.79
N VAL A 277 8.06 -31.45 32.04
CA VAL A 277 9.17 -30.52 32.14
C VAL A 277 9.45 -29.89 30.79
N LEU A 278 9.39 -30.69 29.71
CA LEU A 278 9.57 -30.16 28.36
C LEU A 278 8.51 -29.12 28.06
N VAL A 279 7.25 -29.44 28.35
CA VAL A 279 6.16 -28.51 28.11
C VAL A 279 6.42 -27.18 28.82
N ASN A 280 6.95 -27.24 30.05
CA ASN A 280 7.08 -26.04 30.89
C ASN A 280 8.03 -25.00 30.30
N HIS A 281 8.97 -25.40 29.45
CA HIS A 281 9.91 -24.47 28.83
C HIS A 281 9.65 -24.25 27.35
N GLU A 282 8.57 -24.81 26.81
CA GLU A 282 8.35 -24.83 25.37
C GLU A 282 8.34 -23.42 24.77
N TRP A 283 7.57 -22.50 25.37
CA TRP A 283 7.43 -21.18 24.79
C TRP A 283 8.70 -20.36 24.86
N HIS A 284 9.64 -20.76 25.72
CA HIS A 284 10.81 -19.95 25.97
C HIS A 284 11.89 -20.10 24.92
N VAL A 285 11.73 -20.99 23.94
CA VAL A 285 12.72 -21.14 22.87
C VAL A 285 12.39 -20.26 21.68
N LEU A 286 11.23 -19.58 21.70
CA LEU A 286 10.87 -18.67 20.63
C LEU A 286 11.82 -17.48 20.63
N PRO A 287 12.24 -16.98 19.46
CA PRO A 287 13.25 -15.90 19.42
C PRO A 287 12.74 -14.53 19.85
N GLN A 288 11.44 -14.25 19.87
CA GLN A 288 11.00 -12.94 20.34
C GLN A 288 9.57 -13.03 20.85
N GLU A 289 9.17 -12.00 21.59
CA GLU A 289 7.77 -11.84 21.96
C GLU A 289 6.93 -11.79 20.69
N SER A 290 5.84 -12.55 20.67
CA SER A 290 5.04 -12.72 19.46
C SER A 290 3.64 -13.20 19.80
N VAL A 291 2.74 -13.06 18.81
CA VAL A 291 1.55 -13.90 18.78
C VAL A 291 1.57 -14.65 17.45
N PHE A 292 0.83 -15.75 17.42
CA PHE A 292 0.72 -16.62 16.24
C PHE A 292 2.06 -17.21 15.82
N ARG A 293 2.91 -17.51 16.80
CA ARG A 293 4.16 -18.24 16.57
C ARG A 293 4.27 -19.38 17.59
N PHE A 294 4.82 -20.51 17.17
CA PHE A 294 4.85 -21.71 18.01
C PHE A 294 6.19 -22.41 17.88
N SER A 295 6.64 -22.99 18.99
CA SER A 295 8.05 -23.39 19.12
C SER A 295 8.40 -24.55 18.22
N PHE A 296 7.60 -25.62 18.23
CA PHE A 296 7.94 -26.84 17.52
C PHE A 296 6.87 -27.12 16.47
N VAL A 297 7.24 -26.92 15.21
CA VAL A 297 6.34 -27.03 14.06
C VAL A 297 7.06 -27.88 13.01
N PRO A 298 6.39 -28.32 11.95
CA PRO A 298 7.08 -29.05 10.87
C PRO A 298 8.31 -28.32 10.34
N VAL A 299 9.37 -29.09 10.12
CA VAL A 299 10.65 -28.58 9.63
C VAL A 299 10.82 -28.98 8.16
N VAL A 300 11.35 -28.04 7.37
CA VAL A 300 11.67 -28.26 5.97
C VAL A 300 13.13 -28.74 5.90
N ASP A 301 13.31 -30.05 5.68
CA ASP A 301 14.64 -30.63 5.67
C ASP A 301 14.87 -31.54 4.47
N GLY A 302 13.98 -31.54 3.48
CA GLY A 302 14.13 -32.35 2.30
C GLY A 302 13.40 -33.69 2.33
N ASP A 303 13.02 -34.17 3.53
CA ASP A 303 12.40 -35.48 3.67
C ASP A 303 10.89 -35.39 3.48
N PHE A 304 10.13 -35.13 4.56
CA PHE A 304 8.68 -34.99 4.41
C PHE A 304 8.33 -33.89 3.41
N LEU A 305 9.05 -32.76 3.45
CA LEU A 305 8.87 -31.65 2.51
C LEU A 305 10.19 -31.48 1.78
N SER A 306 10.19 -31.78 0.48
CA SER A 306 11.42 -31.67 -0.30
C SER A 306 11.80 -30.22 -0.54
N ASP A 307 10.85 -29.29 -0.44
CA ASP A 307 11.12 -27.86 -0.51
C ASP A 307 10.17 -27.17 0.46
N THR A 308 10.22 -25.83 0.50
CA THR A 308 9.25 -25.10 1.29
C THR A 308 7.85 -25.30 0.70
N PRO A 309 6.81 -25.24 1.54
CA PRO A 309 5.45 -25.39 1.00
C PRO A 309 5.10 -24.33 -0.03
N GLU A 310 5.61 -23.12 0.12
N GLU A 310 5.61 -23.12 0.11
CA GLU A 310 5.44 -22.09 -0.90
CA GLU A 310 5.40 -22.11 -0.93
C GLU A 310 6.04 -22.54 -2.23
C GLU A 310 6.03 -22.55 -2.25
N ALA A 311 7.24 -23.12 -2.20
CA ALA A 311 7.89 -23.57 -3.42
C ALA A 311 7.14 -24.73 -4.05
N LEU A 312 6.74 -25.72 -3.23
CA LEU A 312 6.04 -26.88 -3.77
C LEU A 312 4.69 -26.50 -4.36
N ILE A 313 4.03 -25.48 -3.79
CA ILE A 313 2.75 -25.04 -4.31
C ILE A 313 2.91 -24.42 -5.70
N ASN A 314 3.90 -23.54 -5.87
CA ASN A 314 4.11 -22.89 -7.18
C ASN A 314 4.58 -23.86 -8.25
N ALA A 315 5.14 -25.01 -7.88
CA ALA A 315 5.79 -25.92 -8.80
C ALA A 315 4.97 -27.17 -9.10
N GLY A 316 3.75 -27.26 -8.60
CA GLY A 316 3.01 -28.51 -8.58
C GLY A 316 1.97 -28.56 -9.69
N ASP A 317 1.80 -29.75 -10.26
CA ASP A 317 0.70 -30.03 -11.17
C ASP A 317 -0.43 -30.58 -10.31
N PHE A 318 -1.52 -29.82 -10.22
CA PHE A 318 -2.60 -30.14 -9.30
C PHE A 318 -3.89 -30.47 -10.04
N HIS A 319 -3.76 -30.91 -11.30
CA HIS A 319 -4.90 -31.40 -12.05
C HIS A 319 -5.45 -32.65 -11.38
N GLY A 320 -6.77 -32.76 -11.34
CA GLY A 320 -7.42 -33.87 -10.68
C GLY A 320 -7.72 -33.67 -9.22
N LEU A 321 -7.26 -32.56 -8.64
CA LEU A 321 -7.47 -32.27 -7.23
C LEU A 321 -8.66 -31.33 -7.07
N GLN A 322 -9.58 -31.68 -6.18
CA GLN A 322 -10.58 -30.75 -5.69
C GLN A 322 -10.22 -30.41 -4.25
N VAL A 323 -10.29 -29.13 -3.93
CA VAL A 323 -9.93 -28.66 -2.61
C VAL A 323 -10.97 -27.62 -2.22
N LEU A 324 -11.30 -27.61 -0.92
CA LEU A 324 -12.25 -26.67 -0.33
C LEU A 324 -11.54 -25.90 0.79
N VAL A 325 -11.33 -24.61 0.58
CA VAL A 325 -10.56 -23.81 1.59
C VAL A 325 -11.38 -22.57 1.96
N GLY A 326 -11.17 -22.07 3.18
CA GLY A 326 -11.90 -20.87 3.60
C GLY A 326 -11.37 -20.32 4.91
N VAL A 327 -12.05 -19.25 5.34
CA VAL A 327 -11.63 -18.46 6.49
C VAL A 327 -12.88 -18.03 7.24
N VAL A 328 -12.67 -17.64 8.51
CA VAL A 328 -13.71 -16.96 9.28
C VAL A 328 -13.52 -15.46 9.12
N LYS A 329 -14.51 -14.69 9.57
CA LYS A 329 -14.55 -13.27 9.25
C LYS A 329 -13.46 -12.49 9.96
N ASP A 330 -13.05 -12.92 11.16
CA ASP A 330 -12.08 -12.16 11.97
C ASP A 330 -10.95 -13.09 12.41
N GLU A 331 -10.11 -13.47 11.45
CA GLU A 331 -9.08 -14.47 11.71
C GLU A 331 -8.12 -14.03 12.81
N GLY A 332 -7.85 -12.73 12.95
CA GLY A 332 -6.82 -12.28 13.87
C GLY A 332 -7.22 -11.95 15.31
N SER A 333 -8.51 -11.70 15.54
CA SER A 333 -8.98 -11.15 16.83
C SER A 333 -8.51 -11.98 18.04
N TYR A 334 -8.85 -13.27 18.08
CA TYR A 334 -8.47 -14.16 19.19
C TYR A 334 -7.00 -13.96 19.60
N PHE A 335 -6.09 -13.91 18.63
CA PHE A 335 -4.67 -13.97 18.96
C PHE A 335 -4.17 -12.70 19.65
N LEU A 336 -4.86 -11.56 19.49
CA LEU A 336 -4.32 -10.29 19.99
C LEU A 336 -4.19 -10.27 21.52
N VAL A 337 -5.07 -10.98 22.24
CA VAL A 337 -5.04 -10.98 23.71
C VAL A 337 -3.94 -11.85 24.29
N TYR A 338 -3.13 -12.52 23.46
CA TYR A 338 -2.00 -13.30 23.92
C TYR A 338 -0.67 -12.58 23.71
N GLY A 339 -0.68 -11.24 23.67
CA GLY A 339 0.57 -10.50 23.61
C GLY A 339 0.59 -9.12 22.97
N ALA A 340 -0.47 -8.74 22.26
CA ALA A 340 -0.50 -7.40 21.69
C ALA A 340 -0.79 -6.38 22.78
N PRO A 341 0.05 -5.35 22.93
CA PRO A 341 -0.16 -4.36 24.00
C PRO A 341 -1.51 -3.67 23.91
N GLY A 342 -2.20 -3.61 25.05
CA GLY A 342 -3.47 -2.95 25.15
C GLY A 342 -4.68 -3.84 24.92
N PHE A 343 -4.51 -5.12 24.66
CA PHE A 343 -5.63 -6.00 24.32
C PHE A 343 -6.06 -6.83 25.52
N SER A 344 -7.37 -7.02 25.65
CA SER A 344 -7.96 -7.94 26.62
C SER A 344 -9.34 -8.31 26.11
N LYS A 345 -9.77 -9.53 26.44
CA LYS A 345 -11.14 -9.93 26.17
C LYS A 345 -12.15 -9.22 27.08
N ASP A 346 -11.70 -8.57 28.14
CA ASP A 346 -12.60 -8.03 29.14
C ASP A 346 -12.78 -6.52 29.05
N ASN A 347 -12.20 -5.85 28.05
CA ASN A 347 -12.58 -4.48 27.74
C ASN A 347 -12.66 -4.34 26.22
N GLU A 348 -12.88 -3.13 25.75
CA GLU A 348 -13.05 -2.88 24.33
C GLU A 348 -11.76 -2.96 23.53
N SER A 349 -10.61 -3.08 24.21
CA SER A 349 -9.33 -3.11 23.53
C SER A 349 -9.16 -1.95 22.55
N LEU A 350 -9.56 -0.74 22.96
CA LEU A 350 -9.49 0.45 22.11
C LEU A 350 -8.10 1.05 22.22
N ILE A 351 -7.15 0.47 21.48
CA ILE A 351 -5.73 0.76 21.68
C ILE A 351 -5.35 2.12 21.09
N SER A 352 -4.17 2.60 21.50
CA SER A 352 -3.57 3.83 20.99
C SER A 352 -2.63 3.54 19.83
N ARG A 353 -2.33 4.60 19.08
CA ARG A 353 -1.42 4.44 17.95
C ARG A 353 -0.07 3.88 18.40
N ALA A 354 0.44 4.36 19.54
CA ALA A 354 1.69 3.79 20.02
C ALA A 354 1.55 2.29 20.31
N GLU A 355 0.42 1.86 20.91
CA GLU A 355 0.20 0.43 21.12
C GLU A 355 0.08 -0.30 19.79
N PHE A 356 -0.64 0.29 18.82
CA PHE A 356 -0.76 -0.32 17.51
C PHE A 356 0.63 -0.56 16.91
N LEU A 357 1.48 0.47 16.91
CA LEU A 357 2.81 0.35 16.34
C LEU A 357 3.63 -0.70 17.07
N ALA A 358 3.54 -0.74 18.39
CA ALA A 358 4.24 -1.79 19.13
C ALA A 358 3.67 -3.16 18.77
N GLY A 359 2.33 -3.26 18.65
CA GLY A 359 1.70 -4.53 18.34
C GLY A 359 2.09 -5.07 16.98
N VAL A 360 2.39 -4.18 16.03
CA VAL A 360 2.81 -4.61 14.70
C VAL A 360 4.07 -5.46 14.77
N ARG A 361 5.03 -5.08 15.64
CA ARG A 361 6.24 -5.89 15.76
C ARG A 361 5.95 -7.23 16.46
N VAL A 362 4.91 -7.28 17.30
CA VAL A 362 4.52 -8.54 17.93
C VAL A 362 3.82 -9.45 16.93
N GLY A 363 2.88 -8.90 16.15
CA GLY A 363 2.17 -9.70 15.17
C GLY A 363 2.96 -10.03 13.92
N VAL A 364 4.01 -9.27 13.61
CA VAL A 364 4.86 -9.55 12.45
C VAL A 364 6.29 -9.70 12.94
N PRO A 365 6.58 -10.73 13.73
CA PRO A 365 7.89 -10.83 14.38
C PRO A 365 9.02 -11.15 13.40
N GLN A 366 10.24 -10.82 13.84
CA GLN A 366 11.46 -11.18 13.10
C GLN A 366 11.48 -10.64 11.68
N VAL A 367 11.01 -9.40 11.48
CA VAL A 367 11.16 -8.76 10.19
C VAL A 367 11.92 -7.46 10.37
N SER A 368 12.52 -7.00 9.27
CA SER A 368 13.29 -5.76 9.31
C SER A 368 12.38 -4.57 9.64
N ASP A 369 13.00 -3.53 10.18
CA ASP A 369 12.28 -2.29 10.47
C ASP A 369 11.57 -1.77 9.23
N LEU A 370 12.20 -1.87 8.06
CA LEU A 370 11.58 -1.40 6.85
C LEU A 370 10.32 -2.22 6.51
N ALA A 371 10.39 -3.55 6.67
CA ALA A 371 9.22 -4.40 6.42
C ALA A 371 8.08 -4.03 7.35
N ALA A 372 8.37 -3.78 8.64
CA ALA A 372 7.33 -3.34 9.56
C ALA A 372 6.73 -2.01 9.14
N GLU A 373 7.56 -1.06 8.65
CA GLU A 373 7.03 0.22 8.20
C GLU A 373 6.07 0.03 7.03
N ALA A 374 6.42 -0.87 6.12
CA ALA A 374 5.53 -1.18 5.01
C ALA A 374 4.17 -1.68 5.51
N VAL A 375 4.18 -2.49 6.60
CA VAL A 375 2.93 -2.95 7.18
C VAL A 375 2.14 -1.78 7.74
N VAL A 376 2.82 -0.87 8.43
CA VAL A 376 2.15 0.29 9.00
C VAL A 376 1.56 1.17 7.91
N LEU A 377 2.28 1.33 6.79
CA LEU A 377 1.74 2.11 5.68
C LEU A 377 0.45 1.51 5.17
N HIS A 378 0.45 0.19 4.95
CA HIS A 378 -0.68 -0.46 4.35
C HIS A 378 -1.88 -0.54 5.28
N TYR A 379 -1.67 -0.60 6.59
CA TYR A 379 -2.78 -0.82 7.51
C TYR A 379 -3.19 0.43 8.27
N THR A 380 -2.58 1.56 7.96
CA THR A 380 -3.03 2.83 8.51
C THR A 380 -3.99 3.51 7.55
N ASP A 381 -5.11 3.98 8.10
CA ASP A 381 -5.96 4.95 7.41
C ASP A 381 -5.39 6.33 7.70
N TRP A 382 -4.78 6.96 6.70
CA TRP A 382 -4.07 8.21 6.95
C TRP A 382 -5.00 9.42 7.05
N LEU A 383 -6.31 9.22 6.93
CA LEU A 383 -7.29 10.21 7.35
C LEU A 383 -7.69 10.06 8.82
N HIS A 384 -7.36 8.93 9.45
CA HIS A 384 -7.72 8.66 10.85
C HIS A 384 -6.59 7.86 11.50
N PRO A 385 -5.37 8.40 11.52
CA PRO A 385 -4.24 7.55 11.92
C PRO A 385 -4.26 7.10 13.38
N GLU A 386 -5.04 7.75 14.25
CA GLU A 386 -4.96 7.48 15.70
C GLU A 386 -6.30 7.02 16.28
N ASP A 387 -7.29 6.74 15.47
CA ASP A 387 -8.60 6.32 15.95
C ASP A 387 -8.52 4.94 16.61
N PRO A 388 -8.80 4.83 17.92
CA PRO A 388 -8.65 3.51 18.58
C PRO A 388 -9.42 2.37 17.94
N ALA A 389 -10.69 2.57 17.62
CA ALA A 389 -11.48 1.48 17.03
C ALA A 389 -10.88 0.99 15.71
N ARG A 390 -10.42 1.92 14.86
CA ARG A 390 -9.84 1.51 13.57
C ARG A 390 -8.49 0.84 13.77
N LEU A 391 -7.72 1.30 14.76
CA LEU A 391 -6.44 0.68 15.09
C LEU A 391 -6.63 -0.75 15.59
N ARG A 392 -7.65 -0.97 16.43
CA ARG A 392 -7.94 -2.32 16.89
C ARG A 392 -8.25 -3.23 15.71
N GLU A 393 -9.13 -2.79 14.84
CA GLU A 393 -9.52 -3.57 13.66
C GLU A 393 -8.33 -3.73 12.72
N ALA A 394 -7.42 -2.79 12.66
CA ALA A 394 -6.34 -2.91 11.69
C ALA A 394 -5.31 -3.93 12.16
N LEU A 395 -4.97 -3.92 13.45
CA LEU A 395 -4.03 -4.91 13.96
C LEU A 395 -4.61 -6.33 13.90
N SER A 396 -5.91 -6.49 14.16
CA SER A 396 -6.54 -7.78 13.93
C SER A 396 -6.35 -8.20 12.48
N ASP A 397 -6.61 -7.27 11.56
CA ASP A 397 -6.40 -7.53 10.14
C ASP A 397 -4.94 -7.85 9.83
N VAL A 398 -3.99 -7.15 10.46
CA VAL A 398 -2.58 -7.48 10.23
C VAL A 398 -2.33 -8.95 10.56
N VAL A 399 -2.65 -9.34 11.80
CA VAL A 399 -2.38 -10.70 12.25
C VAL A 399 -3.18 -11.72 11.44
N GLY A 400 -4.47 -11.43 11.21
CA GLY A 400 -5.30 -12.35 10.44
C GLY A 400 -4.87 -12.51 9.00
N ASP A 401 -4.50 -11.40 8.34
CA ASP A 401 -4.09 -11.44 6.94
C ASP A 401 -2.75 -12.14 6.79
N HIS A 402 -1.81 -11.78 7.66
CA HIS A 402 -0.44 -12.29 7.57
C HIS A 402 -0.39 -13.79 7.83
N ASN A 403 -1.17 -14.26 8.80
CA ASN A 403 -1.06 -15.65 9.22
C ASN A 403 -2.06 -16.58 8.57
N VAL A 404 -3.26 -16.11 8.19
CA VAL A 404 -4.27 -17.03 7.71
C VAL A 404 -4.81 -16.67 6.33
N VAL A 405 -5.41 -15.49 6.20
CA VAL A 405 -6.13 -15.15 4.97
C VAL A 405 -5.20 -15.20 3.76
N CYS A 406 -4.04 -14.63 3.89
CA CYS A 406 -3.29 -14.48 2.65
C CYS A 406 -2.50 -15.74 2.34
N PRO A 407 -2.04 -16.53 3.33
CA PRO A 407 -1.56 -17.87 2.99
C PRO A 407 -2.62 -18.72 2.32
N VAL A 408 -3.86 -18.70 2.84
CA VAL A 408 -4.96 -19.40 2.20
C VAL A 408 -5.19 -18.87 0.79
N ALA A 409 -5.17 -17.54 0.62
CA ALA A 409 -5.42 -16.99 -0.72
C ALA A 409 -4.36 -17.45 -1.71
N GLN A 410 -3.10 -17.47 -1.29
CA GLN A 410 -2.04 -17.93 -2.16
C GLN A 410 -2.23 -19.39 -2.55
N LEU A 411 -2.49 -20.24 -1.55
CA LEU A 411 -2.75 -21.65 -1.82
C LEU A 411 -3.86 -21.80 -2.85
N ALA A 412 -5.00 -21.16 -2.61
CA ALA A 412 -6.15 -21.28 -3.50
C ALA A 412 -5.82 -20.80 -4.91
N GLY A 413 -5.18 -19.63 -5.04
CA GLY A 413 -4.91 -19.09 -6.36
C GLY A 413 -3.94 -19.92 -7.16
N ARG A 414 -2.87 -20.37 -6.51
CA ARG A 414 -1.87 -21.18 -7.19
C ARG A 414 -2.43 -22.53 -7.57
N LEU A 415 -3.15 -23.19 -6.64
CA LEU A 415 -3.71 -24.50 -6.95
C LEU A 415 -4.73 -24.40 -8.07
N ALA A 416 -5.60 -23.38 -8.03
CA ALA A 416 -6.57 -23.18 -9.09
C ALA A 416 -5.89 -22.95 -10.43
N ALA A 417 -4.87 -22.09 -10.45
CA ALA A 417 -4.15 -21.77 -11.68
C ALA A 417 -3.28 -22.92 -12.18
N GLN A 418 -3.12 -24.00 -11.41
CA GLN A 418 -2.33 -25.14 -11.83
C GLN A 418 -3.11 -26.45 -11.80
N GLY A 419 -4.41 -26.38 -12.03
CA GLY A 419 -5.18 -27.56 -12.37
C GLY A 419 -6.20 -27.97 -11.34
N ALA A 420 -6.21 -27.41 -10.14
CA ALA A 420 -7.12 -27.88 -9.11
C ALA A 420 -8.43 -27.12 -9.19
N ARG A 421 -9.53 -27.82 -8.88
CA ARG A 421 -10.82 -27.17 -8.69
C ARG A 421 -10.94 -26.73 -7.23
N VAL A 422 -11.08 -25.43 -7.02
CA VAL A 422 -11.01 -24.84 -5.69
C VAL A 422 -12.36 -24.21 -5.35
N TYR A 423 -12.80 -24.41 -4.10
CA TYR A 423 -14.04 -23.80 -3.53
C TYR A 423 -13.62 -22.98 -2.30
N ALA A 424 -13.98 -21.70 -2.25
CA ALA A 424 -13.57 -20.82 -1.16
C ALA A 424 -14.80 -20.21 -0.49
N TYR A 425 -14.69 -20.01 0.83
CA TYR A 425 -15.77 -19.48 1.63
C TYR A 425 -15.21 -18.49 2.64
N VAL A 426 -16.07 -17.58 3.09
CA VAL A 426 -15.81 -16.80 4.27
C VAL A 426 -16.97 -17.07 5.22
N PHE A 427 -16.64 -17.52 6.42
CA PHE A 427 -17.63 -17.89 7.42
C PHE A 427 -17.93 -16.67 8.28
N GLU A 428 -19.18 -16.20 8.24
CA GLU A 428 -19.49 -14.86 8.73
C GLU A 428 -20.55 -14.84 9.82
N HIS A 429 -20.90 -16.00 10.38
CA HIS A 429 -21.89 -16.06 11.44
C HIS A 429 -21.20 -16.07 12.79
N ARG A 430 -21.64 -15.18 13.69
CA ARG A 430 -21.15 -15.18 15.05
C ARG A 430 -22.13 -15.98 15.89
N ALA A 431 -21.63 -17.01 16.56
CA ALA A 431 -22.50 -17.94 17.28
C ALA A 431 -23.21 -17.23 18.43
N SER A 432 -24.52 -17.48 18.54
CA SER A 432 -25.26 -16.95 19.69
C SER A 432 -24.64 -17.39 21.02
N THR A 433 -23.96 -18.54 21.02
CA THR A 433 -23.32 -19.08 22.23
C THR A 433 -21.95 -18.50 22.51
N LEU A 434 -21.43 -17.61 21.67
CA LEU A 434 -20.03 -17.23 21.78
C LEU A 434 -19.78 -16.48 23.07
N SER A 435 -18.71 -16.87 23.78
CA SER A 435 -18.33 -16.26 25.04
C SER A 435 -17.27 -15.17 24.89
N TRP A 436 -16.62 -15.08 23.73
CA TRP A 436 -15.65 -14.02 23.51
C TRP A 436 -16.37 -12.69 23.26
N PRO A 437 -15.73 -11.56 23.53
CA PRO A 437 -16.42 -10.28 23.44
C PRO A 437 -16.88 -9.99 22.03
N LEU A 438 -17.88 -9.12 21.95
CA LEU A 438 -18.43 -8.73 20.65
C LEU A 438 -17.36 -8.14 19.73
N TRP A 439 -16.35 -7.44 20.27
CA TRP A 439 -15.38 -6.82 19.39
C TRP A 439 -14.50 -7.83 18.69
N MET A 440 -14.47 -9.08 19.13
CA MET A 440 -13.67 -10.08 18.43
C MET A 440 -14.35 -10.62 17.18
N GLY A 441 -15.65 -10.37 17.01
CA GLY A 441 -16.33 -10.76 15.78
C GLY A 441 -16.58 -12.25 15.68
N VAL A 442 -16.25 -12.83 14.53
CA VAL A 442 -16.27 -14.28 14.32
C VAL A 442 -14.82 -14.75 14.38
N PRO A 443 -14.35 -15.24 15.52
CA PRO A 443 -12.91 -15.49 15.69
C PRO A 443 -12.47 -16.86 15.17
N HIS A 444 -11.15 -16.99 15.06
CA HIS A 444 -10.48 -18.21 14.61
C HIS A 444 -11.00 -19.43 15.32
N GLY A 445 -11.49 -20.39 14.56
CA GLY A 445 -11.94 -21.66 15.11
C GLY A 445 -13.44 -21.79 15.31
N TYR A 446 -14.21 -20.71 15.21
CA TYR A 446 -15.61 -20.75 15.63
C TYR A 446 -16.58 -21.05 14.50
N GLU A 447 -16.07 -21.57 13.37
CA GLU A 447 -16.93 -22.25 12.41
C GLU A 447 -17.01 -23.75 12.68
N ILE A 448 -16.02 -24.33 13.40
CA ILE A 448 -15.92 -25.78 13.51
C ILE A 448 -17.20 -26.37 14.11
N GLU A 449 -17.70 -25.78 15.21
CA GLU A 449 -18.89 -26.34 15.87
C GLU A 449 -20.07 -26.43 14.91
N PHE A 450 -20.13 -25.54 13.91
CA PHE A 450 -21.20 -25.62 12.93
C PHE A 450 -20.93 -26.71 11.88
N ILE A 451 -19.67 -26.89 11.49
CA ILE A 451 -19.34 -27.95 10.53
C ILE A 451 -19.65 -29.32 11.14
N PHE A 452 -19.40 -29.48 12.45
CA PHE A 452 -19.65 -30.75 13.12
C PHE A 452 -21.09 -30.91 13.59
N GLY A 453 -21.93 -29.90 13.41
CA GLY A 453 -23.34 -30.07 13.74
C GLY A 453 -23.63 -30.02 15.22
N ILE A 454 -22.71 -29.53 16.04
CA ILE A 454 -22.92 -29.36 17.48
C ILE A 454 -24.23 -28.64 17.79
N PRO A 455 -24.66 -27.62 17.03
CA PRO A 455 -25.96 -26.99 17.35
C PRO A 455 -27.12 -27.96 17.41
N LEU A 456 -27.02 -29.15 16.80
CA LEU A 456 -28.12 -30.11 16.87
C LEU A 456 -28.25 -30.73 18.25
N ASP A 457 -27.20 -30.68 19.06
CA ASP A 457 -27.25 -31.17 20.42
C ASP A 457 -28.32 -30.42 21.22
N PRO A 458 -29.39 -31.10 21.67
CA PRO A 458 -30.44 -30.38 22.42
C PRO A 458 -29.93 -29.81 23.74
N SER A 459 -28.98 -30.51 24.38
CA SER A 459 -28.31 -30.03 25.58
C SER A 459 -27.77 -28.60 25.47
N ARG A 460 -27.52 -28.09 24.27
CA ARG A 460 -26.92 -26.78 24.10
C ARG A 460 -27.97 -25.78 23.62
N ASN A 461 -27.59 -24.50 23.61
CA ASN A 461 -28.58 -23.43 23.57
C ASN A 461 -28.48 -22.63 22.28
N TYR A 462 -28.38 -23.33 21.15
CA TYR A 462 -28.39 -22.69 19.84
C TYR A 462 -29.82 -22.40 19.39
N THR A 463 -29.97 -21.46 18.46
CA THR A 463 -31.27 -21.11 17.92
C THR A 463 -31.73 -22.10 16.86
N ALA A 464 -33.01 -22.00 16.52
CA ALA A 464 -33.57 -22.84 15.46
C ALA A 464 -32.89 -22.56 14.13
N GLU A 465 -32.61 -21.28 13.83
CA GLU A 465 -31.93 -20.95 12.58
C GLU A 465 -30.50 -21.48 12.56
N GLU A 466 -29.81 -21.45 13.72
CA GLU A 466 -28.45 -21.97 13.78
C GLU A 466 -28.42 -23.49 13.52
N LYS A 467 -29.45 -24.23 13.98
CA LYS A 467 -29.55 -25.65 13.66
C LYS A 467 -29.72 -25.87 12.17
N ILE A 468 -30.62 -25.12 11.53
CA ILE A 468 -30.75 -25.18 10.08
C ILE A 468 -29.43 -24.86 9.41
N PHE A 469 -28.71 -23.86 9.93
CA PHE A 469 -27.44 -23.44 9.33
C PHE A 469 -26.40 -24.55 9.44
N ALA A 470 -26.29 -25.18 10.61
CA ALA A 470 -25.38 -26.31 10.77
C ALA A 470 -25.72 -27.42 9.79
N GLN A 471 -27.02 -27.68 9.59
CA GLN A 471 -27.41 -28.71 8.64
C GLN A 471 -27.00 -28.34 7.22
N ARG A 472 -27.10 -27.05 6.87
CA ARG A 472 -26.61 -26.60 5.57
C ARG A 472 -25.12 -26.88 5.43
N LEU A 473 -24.33 -26.54 6.46
CA LEU A 473 -22.89 -26.67 6.35
C LEU A 473 -22.47 -28.13 6.27
N MET A 474 -23.09 -29.00 7.07
CA MET A 474 -22.78 -30.43 7.00
C MET A 474 -23.07 -30.95 5.60
N ARG A 475 -24.15 -30.46 4.99
CA ARG A 475 -24.48 -30.84 3.62
C ARG A 475 -23.40 -30.38 2.65
N TYR A 476 -22.94 -29.12 2.77
CA TYR A 476 -21.88 -28.64 1.87
C TYR A 476 -20.63 -29.51 2.00
N TRP A 477 -20.15 -29.70 3.23
CA TRP A 477 -18.94 -30.49 3.47
C TRP A 477 -19.09 -31.92 2.99
N ALA A 478 -20.23 -32.56 3.27
CA ALA A 478 -20.41 -33.94 2.86
C ALA A 478 -20.58 -34.07 1.35
N ASN A 479 -21.29 -33.10 0.73
CA ASN A 479 -21.38 -33.08 -0.72
C ASN A 479 -19.99 -33.03 -1.34
N PHE A 480 -19.11 -32.21 -0.78
CA PHE A 480 -17.75 -32.11 -1.28
C PHE A 480 -16.99 -33.43 -1.12
N ALA A 481 -17.16 -34.10 0.01
CA ALA A 481 -16.50 -35.38 0.23
C ALA A 481 -16.98 -36.43 -0.78
N ARG A 482 -18.27 -36.39 -1.15
CA ARG A 482 -18.79 -37.39 -2.06
C ARG A 482 -18.45 -37.11 -3.52
N THR A 483 -18.38 -35.83 -3.92
CA THR A 483 -18.31 -35.46 -5.32
C THR A 483 -17.22 -34.47 -5.72
N GLY A 484 -16.52 -33.85 -4.77
CA GLY A 484 -15.60 -32.78 -5.13
C GLY A 484 -16.26 -31.43 -5.35
N ASP A 485 -17.52 -31.30 -5.01
CA ASP A 485 -18.35 -30.14 -5.32
C ASP A 485 -19.38 -29.97 -4.19
N PRO A 486 -19.33 -28.85 -3.46
CA PRO A 486 -20.25 -28.69 -2.32
C PRO A 486 -21.70 -28.47 -2.73
N ASN A 487 -21.97 -28.13 -3.99
CA ASN A 487 -23.30 -27.69 -4.38
C ASN A 487 -24.31 -28.83 -4.35
N GLU A 488 -25.58 -28.48 -4.00
CA GLU A 488 -26.79 -29.28 -4.12
C GLU A 488 -27.40 -29.08 -5.51
N PRO A 489 -28.27 -29.98 -5.96
CA PRO A 489 -28.96 -29.76 -7.25
C PRO A 489 -29.56 -28.35 -7.36
N ARG A 490 -29.51 -27.79 -8.57
CA ARG A 490 -29.69 -26.36 -8.76
C ARG A 490 -31.08 -25.88 -8.30
N ASP A 491 -31.13 -24.61 -7.93
CA ASP A 491 -32.36 -23.92 -7.49
C ASP A 491 -32.04 -22.45 -7.23
N PRO A 495 -29.13 -20.85 -5.14
CA PRO A 495 -27.96 -20.07 -5.59
C PRO A 495 -26.68 -20.90 -5.49
N GLN A 496 -25.88 -20.88 -6.55
CA GLN A 496 -24.81 -21.85 -6.68
C GLN A 496 -23.46 -21.27 -6.28
N TRP A 497 -22.59 -22.17 -5.82
CA TRP A 497 -21.30 -21.85 -5.25
C TRP A 497 -20.24 -22.03 -6.32
N PRO A 498 -19.64 -20.97 -6.84
CA PRO A 498 -18.73 -21.10 -8.00
C PRO A 498 -17.32 -21.48 -7.60
N PRO A 499 -16.59 -22.17 -8.47
CA PRO A 499 -15.17 -22.40 -8.23
C PRO A 499 -14.38 -21.10 -8.08
N TYR A 500 -13.37 -21.14 -7.21
CA TYR A 500 -12.45 -20.03 -7.01
C TYR A 500 -11.36 -20.08 -8.07
N THR A 501 -11.06 -18.93 -8.66
CA THR A 501 -10.05 -18.84 -9.70
C THR A 501 -9.12 -17.68 -9.40
N ALA A 502 -7.88 -17.78 -9.92
CA ALA A 502 -6.89 -16.74 -9.64
C ALA A 502 -7.35 -15.37 -10.16
N GLY A 503 -8.11 -15.34 -11.25
CA GLY A 503 -8.65 -14.09 -11.75
C GLY A 503 -9.95 -13.63 -11.11
N ALA A 504 -11.04 -14.39 -11.29
CA ALA A 504 -12.32 -13.91 -10.75
C ALA A 504 -12.32 -13.92 -9.24
N GLN A 505 -11.56 -14.82 -8.60
CA GLN A 505 -11.38 -14.83 -7.14
C GLN A 505 -12.71 -14.87 -6.40
N GLN A 506 -13.65 -15.66 -6.91
CA GLN A 506 -14.97 -15.74 -6.31
C GLN A 506 -14.97 -16.69 -5.11
N TYR A 507 -15.74 -16.31 -4.10
CA TYR A 507 -15.97 -17.12 -2.93
C TYR A 507 -17.39 -16.82 -2.47
N VAL A 508 -17.89 -17.60 -1.50
CA VAL A 508 -19.22 -17.35 -0.95
C VAL A 508 -19.09 -17.01 0.53
N SER A 509 -20.01 -16.19 1.01
CA SER A 509 -20.19 -15.99 2.44
C SER A 509 -21.08 -17.10 2.97
N LEU A 510 -20.72 -17.66 4.11
CA LEU A 510 -21.55 -18.66 4.79
C LEU A 510 -22.13 -18.01 6.04
N ASP A 511 -23.44 -17.80 6.07
CA ASP A 511 -24.10 -17.38 7.30
C ASP A 511 -25.59 -17.73 7.19
N LEU A 512 -26.42 -17.09 8.02
CA LEU A 512 -27.83 -17.44 8.07
C LEU A 512 -28.59 -17.06 6.82
N ARG A 513 -28.05 -16.17 6.00
CA ARG A 513 -28.65 -15.79 4.74
C ARG A 513 -28.23 -16.76 3.63
N PRO A 514 -28.92 -16.74 2.49
CA PRO A 514 -28.49 -17.59 1.38
C PRO A 514 -27.08 -17.23 0.93
N LEU A 515 -26.44 -18.20 0.26
CA LEU A 515 -25.14 -18.00 -0.35
C LEU A 515 -25.13 -16.68 -1.11
N GLU A 516 -24.08 -15.90 -0.89
CA GLU A 516 -23.84 -14.68 -1.64
C GLU A 516 -22.43 -14.78 -2.19
N VAL A 517 -22.30 -14.64 -3.51
CA VAL A 517 -21.00 -14.71 -4.16
C VAL A 517 -20.33 -13.35 -4.10
N ARG A 518 -19.06 -13.33 -3.70
CA ARG A 518 -18.24 -12.13 -3.69
C ARG A 518 -16.88 -12.43 -4.31
N ARG A 519 -16.08 -11.36 -4.46
CA ARG A 519 -14.82 -11.39 -5.19
C ARG A 519 -13.66 -10.97 -4.28
N GLY A 520 -12.61 -11.78 -4.24
CA GLY A 520 -11.37 -11.39 -3.60
C GLY A 520 -11.23 -11.71 -2.10
N LEU A 521 -10.26 -12.56 -1.77
CA LEU A 521 -9.96 -12.85 -0.36
C LEU A 521 -8.96 -11.80 0.09
N ARG A 522 -9.51 -10.63 0.45
N ARG A 522 -9.50 -10.62 0.46
CA ARG A 522 -8.73 -9.46 0.84
CA ARG A 522 -8.67 -9.49 0.87
C ARG A 522 -7.57 -9.23 -0.14
C ARG A 522 -7.55 -9.24 -0.15
N ALA A 523 -7.94 -9.12 -1.42
CA ALA A 523 -6.96 -9.09 -2.50
C ALA A 523 -5.96 -7.93 -2.34
N GLN A 524 -6.41 -6.76 -1.89
CA GLN A 524 -5.49 -5.65 -1.72
C GLN A 524 -4.45 -5.95 -0.64
N ALA A 525 -4.89 -6.39 0.54
CA ALA A 525 -3.94 -6.73 1.60
C ALA A 525 -3.02 -7.89 1.18
N CYS A 526 -3.58 -8.89 0.50
CA CYS A 526 -2.82 -10.09 0.21
C CYS A 526 -1.85 -9.91 -0.96
N ALA A 527 -2.07 -8.90 -1.80
CA ALA A 527 -1.02 -8.53 -2.74
C ALA A 527 0.23 -8.06 -1.99
N PHE A 528 0.04 -7.37 -0.87
CA PHE A 528 1.19 -6.92 -0.09
C PHE A 528 1.95 -8.11 0.47
N TRP A 529 1.24 -9.02 1.16
CA TRP A 529 1.93 -10.12 1.85
C TRP A 529 2.43 -11.17 0.86
N ASN A 530 1.68 -11.44 -0.20
CA ASN A 530 2.05 -12.53 -1.09
C ASN A 530 2.92 -12.08 -2.27
N ARG A 531 2.84 -10.82 -2.70
CA ARG A 531 3.59 -10.37 -3.86
C ARG A 531 4.72 -9.40 -3.51
N PHE A 532 4.46 -8.40 -2.68
CA PHE A 532 5.50 -7.39 -2.48
C PHE A 532 6.45 -7.72 -1.35
N LEU A 533 5.92 -8.01 -0.15
CA LEU A 533 6.76 -8.24 1.01
C LEU A 533 7.87 -9.28 0.80
N PRO A 534 7.65 -10.39 0.08
CA PRO A 534 8.79 -11.29 -0.17
C PRO A 534 9.94 -10.62 -0.90
N LYS A 535 9.66 -9.82 -1.94
CA LYS A 535 10.72 -9.09 -2.64
C LYS A 535 11.46 -8.15 -1.70
N LEU A 536 10.72 -7.43 -0.85
CA LEU A 536 11.33 -6.50 0.08
C LEU A 536 12.26 -7.24 1.04
N LEU A 537 11.84 -8.41 1.52
CA LEU A 537 12.64 -9.16 2.48
C LEU A 537 13.89 -9.76 1.84
N SER A 538 13.88 -9.98 0.53
CA SER A 538 15.07 -10.52 -0.11
C SER A 538 16.16 -9.49 -0.30
N ALA A 539 15.82 -8.19 -0.28
CA ALA A 539 16.80 -7.12 -0.44
C ALA A 539 17.02 -6.37 0.89
N GLU B 1 1.20 64.26 -24.14
CA GLU B 1 1.48 63.08 -23.31
C GLU B 1 0.44 62.85 -22.17
N ASP B 2 0.30 61.59 -21.76
CA ASP B 2 -0.63 61.19 -20.69
C ASP B 2 0.18 60.96 -19.41
N ALA B 3 -0.04 61.78 -18.40
CA ALA B 3 0.76 61.67 -17.18
C ALA B 3 0.53 60.34 -16.46
N GLU B 4 -0.62 59.70 -16.71
CA GLU B 4 -0.88 58.39 -16.09
C GLU B 4 0.02 57.30 -16.66
N LEU B 5 0.60 57.50 -17.84
CA LEU B 5 1.44 56.50 -18.46
C LEU B 5 2.93 56.80 -18.33
N LEU B 6 3.31 57.79 -17.53
CA LEU B 6 4.70 58.08 -17.22
C LEU B 6 4.99 57.82 -15.75
N VAL B 7 6.08 57.11 -15.49
CA VAL B 7 6.50 56.73 -14.15
C VAL B 7 8.02 56.83 -14.14
N THR B 8 8.58 57.23 -12.99
CA THR B 8 10.02 57.28 -12.83
C THR B 8 10.42 56.24 -11.80
N VAL B 9 11.26 55.30 -12.20
CA VAL B 9 11.82 54.33 -11.28
C VAL B 9 13.28 54.67 -11.07
N ARG B 10 13.96 53.93 -10.19
CA ARG B 10 15.32 54.30 -9.81
C ARG B 10 16.24 54.40 -11.01
N GLY B 11 15.99 53.65 -12.07
CA GLY B 11 16.89 53.63 -13.20
C GLY B 11 16.65 54.67 -14.27
N GLY B 12 15.50 55.35 -14.22
CA GLY B 12 15.15 56.31 -15.24
C GLY B 12 13.64 56.38 -15.42
N ARG B 13 13.25 57.08 -16.49
CA ARG B 13 11.85 57.36 -16.80
C ARG B 13 11.28 56.29 -17.74
N LEU B 14 9.99 56.03 -17.57
CA LEU B 14 9.28 55.00 -18.32
C LEU B 14 8.00 55.56 -18.89
N ARG B 15 7.62 55.06 -20.06
CA ARG B 15 6.36 55.37 -20.71
C ARG B 15 5.61 54.06 -20.90
N GLY B 16 4.36 54.02 -20.47
CA GLY B 16 3.56 52.85 -20.60
C GLY B 16 2.48 52.98 -21.65
N ILE B 17 1.49 52.11 -21.56
CA ILE B 17 0.38 52.07 -22.49
C ILE B 17 -0.90 51.89 -21.69
N ARG B 18 -2.00 52.43 -22.20
CA ARG B 18 -3.31 52.24 -21.58
C ARG B 18 -4.06 51.11 -22.27
N LEU B 19 -4.57 50.17 -21.48
CA LEU B 19 -5.17 48.95 -21.99
C LEU B 19 -6.67 48.93 -21.75
N LYS B 20 -7.41 48.47 -22.74
CA LYS B 20 -8.85 48.35 -22.58
C LYS B 20 -9.15 47.02 -21.91
N THR B 21 -10.07 47.05 -20.94
CA THR B 21 -10.56 45.80 -20.39
C THR B 21 -12.07 45.91 -20.24
N PRO B 22 -12.77 44.78 -20.28
CA PRO B 22 -14.23 44.81 -20.14
C PRO B 22 -14.76 45.65 -18.99
N GLY B 23 -13.98 45.85 -17.93
CA GLY B 23 -14.46 46.65 -16.83
C GLY B 23 -13.91 48.05 -16.74
N GLY B 24 -13.08 48.49 -17.67
CA GLY B 24 -12.41 49.77 -17.55
C GLY B 24 -10.93 49.74 -17.84
N PRO B 25 -10.30 50.90 -17.89
CA PRO B 25 -8.90 50.99 -18.30
C PRO B 25 -7.93 50.52 -17.23
N VAL B 26 -6.75 50.13 -17.71
CA VAL B 26 -5.64 49.68 -16.88
C VAL B 26 -4.37 50.24 -17.51
N SER B 27 -3.39 50.60 -16.69
CA SER B 27 -2.10 51.03 -17.20
C SER B 27 -1.16 49.84 -17.20
N ALA B 28 -0.41 49.67 -18.29
CA ALA B 28 0.51 48.56 -18.42
C ALA B 28 1.88 49.09 -18.83
N PHE B 29 2.88 48.74 -18.06
CA PHE B 29 4.26 49.01 -18.35
C PHE B 29 4.89 47.65 -18.63
N LEU B 30 5.10 47.36 -19.91
CA LEU B 30 5.51 46.04 -20.38
C LEU B 30 6.90 46.11 -20.96
N GLY B 31 7.77 45.18 -20.56
CA GLY B 31 9.13 45.21 -21.04
C GLY B 31 10.02 46.25 -20.35
N ILE B 32 9.91 46.37 -19.03
CA ILE B 32 10.80 47.20 -18.24
C ILE B 32 12.11 46.43 -18.04
N PRO B 33 13.26 46.95 -18.47
CA PRO B 33 14.51 46.24 -18.25
C PRO B 33 14.88 46.26 -16.77
N PHE B 34 15.16 45.08 -16.20
CA PHE B 34 15.57 45.04 -14.80
C PHE B 34 16.95 44.45 -14.57
N ALA B 35 17.58 43.93 -15.61
CA ALA B 35 18.95 43.46 -15.54
C ALA B 35 19.66 43.86 -16.83
N GLU B 36 20.98 43.97 -16.76
CA GLU B 36 21.79 44.04 -17.96
C GLU B 36 21.58 42.76 -18.77
N PRO B 37 21.47 42.85 -20.09
CA PRO B 37 21.28 41.65 -20.90
C PRO B 37 22.39 40.63 -20.66
N PRO B 38 22.04 39.39 -20.30
CA PRO B 38 23.07 38.37 -20.01
C PRO B 38 23.64 37.75 -21.28
N MET B 39 24.30 38.57 -22.09
CA MET B 39 24.81 38.16 -23.39
C MET B 39 26.28 37.81 -23.31
N GLY B 40 26.73 37.02 -24.29
CA GLY B 40 28.14 36.80 -24.50
C GLY B 40 28.87 36.35 -23.25
N PRO B 41 29.78 37.20 -22.76
CA PRO B 41 30.53 36.86 -21.55
C PRO B 41 29.64 36.70 -20.31
N ARG B 42 28.46 37.32 -20.29
CA ARG B 42 27.54 37.22 -19.18
C ARG B 42 26.60 35.99 -19.25
N ARG B 43 26.73 35.14 -20.27
CA ARG B 43 25.94 33.92 -20.28
C ARG B 43 26.33 33.04 -19.09
N PHE B 44 25.33 32.43 -18.43
CA PHE B 44 25.45 31.61 -17.22
C PHE B 44 25.83 32.39 -15.96
N LEU B 45 25.98 33.72 -16.01
CA LEU B 45 26.40 34.44 -14.82
C LEU B 45 25.20 35.01 -14.09
N PRO B 46 25.33 35.30 -12.80
CA PRO B 46 24.24 35.97 -12.07
C PRO B 46 23.83 37.26 -12.76
N PRO B 47 22.57 37.65 -12.63
CA PRO B 47 22.13 38.88 -13.29
C PRO B 47 22.79 40.11 -12.67
N GLU B 48 23.16 41.10 -13.55
CA GLU B 48 23.56 42.38 -12.99
C GLU B 48 22.39 43.35 -13.03
N PRO B 49 22.25 44.24 -12.05
CA PRO B 49 21.17 45.23 -12.11
C PRO B 49 21.29 46.14 -13.34
N LYS B 50 20.14 46.52 -13.90
CA LYS B 50 20.12 47.39 -15.07
C LYS B 50 20.77 48.74 -14.75
N GLN B 51 21.71 49.17 -15.57
CA GLN B 51 22.33 50.46 -15.34
C GLN B 51 21.34 51.60 -15.67
N PRO B 52 21.37 52.69 -14.91
CA PRO B 52 20.41 53.78 -15.16
C PRO B 52 20.55 54.35 -16.57
N TRP B 53 19.46 54.91 -17.08
CA TRP B 53 19.38 55.45 -18.44
C TRP B 53 18.78 56.85 -18.42
N SER B 54 19.19 57.66 -19.40
CA SER B 54 18.61 58.97 -19.62
C SER B 54 17.46 58.85 -20.61
N GLY B 55 16.60 59.85 -20.62
CA GLY B 55 15.45 59.78 -21.49
C GLY B 55 14.40 58.80 -20.97
N VAL B 56 13.49 58.44 -21.87
CA VAL B 56 12.29 57.70 -21.53
C VAL B 56 12.29 56.36 -22.28
N VAL B 57 12.34 55.26 -21.53
CA VAL B 57 12.20 53.93 -22.10
C VAL B 57 10.72 53.66 -22.37
N ASP B 58 10.39 53.22 -23.58
CA ASP B 58 9.02 52.80 -23.90
C ASP B 58 8.80 51.39 -23.35
N ALA B 59 7.96 51.28 -22.34
CA ALA B 59 7.56 49.99 -21.77
C ALA B 59 6.17 49.64 -22.29
N THR B 60 6.08 49.53 -23.61
CA THR B 60 4.80 49.44 -24.28
C THR B 60 4.50 48.11 -24.94
N THR B 61 5.36 47.12 -24.78
CA THR B 61 5.06 45.79 -25.31
C THR B 61 5.96 44.77 -24.62
N PHE B 62 5.49 43.53 -24.59
CA PHE B 62 6.28 42.43 -24.04
C PHE B 62 7.59 42.29 -24.80
N GLN B 63 8.68 42.04 -24.05
CA GLN B 63 9.99 41.85 -24.63
C GLN B 63 10.18 40.37 -24.99
N SER B 64 11.39 40.03 -25.43
CA SER B 64 11.61 38.70 -26.00
C SER B 64 11.44 37.59 -24.96
N VAL B 65 11.13 36.42 -25.46
CA VAL B 65 11.08 35.22 -24.64
C VAL B 65 12.50 34.68 -24.48
N CYS B 66 12.83 34.27 -23.26
CA CYS B 66 14.17 33.76 -23.00
C CYS B 66 14.38 32.50 -23.83
N TYR B 67 15.57 32.31 -24.36
CA TYR B 67 15.88 31.16 -25.26
C TYR B 67 15.43 29.84 -24.63
N GLN B 68 14.71 29.04 -25.40
CA GLN B 68 14.09 27.87 -24.79
C GLN B 68 13.63 26.91 -25.88
N TYR B 69 13.58 25.63 -25.53
CA TYR B 69 13.04 24.62 -26.44
C TYR B 69 11.57 24.89 -26.72
N VAL B 70 11.14 24.63 -27.95
CA VAL B 70 9.77 24.87 -28.40
C VAL B 70 9.11 23.53 -28.67
N ASP B 71 7.92 23.35 -28.12
CA ASP B 71 7.21 22.09 -28.28
C ASP B 71 6.70 21.92 -29.70
N THR B 72 6.99 20.76 -30.30
CA THR B 72 6.49 20.45 -31.64
C THR B 72 5.78 19.09 -31.71
N LEU B 73 5.32 18.54 -30.58
CA LEU B 73 4.73 17.21 -30.61
C LEU B 73 3.38 17.21 -31.32
N TYR B 74 2.67 18.33 -31.31
CA TYR B 74 1.36 18.44 -31.96
C TYR B 74 1.28 19.79 -32.68
N PRO B 75 1.99 19.93 -33.80
CA PRO B 75 2.08 21.25 -34.47
C PRO B 75 0.71 21.83 -34.78
N GLY B 76 0.52 23.08 -34.39
CA GLY B 76 -0.74 23.77 -34.62
C GLY B 76 -1.87 23.43 -33.66
N PHE B 77 -1.67 22.46 -32.77
CA PHE B 77 -2.67 22.14 -31.76
C PHE B 77 -2.68 23.24 -30.70
N GLU B 78 -3.86 23.86 -30.46
CA GLU B 78 -3.93 24.94 -29.48
C GLU B 78 -3.46 24.49 -28.10
N GLY B 79 -3.68 23.21 -27.76
CA GLY B 79 -3.37 22.75 -26.42
C GLY B 79 -1.90 22.80 -26.09
N THR B 80 -1.03 22.64 -27.09
CA THR B 80 0.40 22.83 -26.90
C THR B 80 0.89 24.21 -27.31
N GLU B 81 0.28 24.82 -28.33
CA GLU B 81 0.81 26.09 -28.84
C GLU B 81 0.65 27.22 -27.84
N MET B 82 -0.37 27.12 -26.97
CA MET B 82 -0.62 28.18 -26.00
C MET B 82 0.51 28.36 -25.00
N TRP B 83 1.37 27.35 -24.84
CA TRP B 83 2.49 27.44 -23.93
C TRP B 83 3.79 27.79 -24.64
N ASN B 84 3.75 27.91 -25.93
CA ASN B 84 4.94 28.17 -26.71
C ASN B 84 5.18 29.67 -26.80
N PRO B 85 6.41 30.08 -27.14
CA PRO B 85 6.73 31.51 -27.16
C PRO B 85 5.90 32.29 -28.17
N ASN B 86 5.42 33.45 -27.75
CA ASN B 86 4.71 34.39 -28.60
C ASN B 86 5.51 35.67 -28.78
N ARG B 87 6.83 35.58 -28.60
CA ARG B 87 7.79 36.60 -29.00
C ARG B 87 9.05 35.86 -29.46
N GLU B 88 9.89 36.57 -30.20
CA GLU B 88 11.14 35.98 -30.67
C GLU B 88 11.99 35.52 -29.47
N LEU B 89 12.76 34.46 -29.68
CA LEU B 89 13.71 34.03 -28.67
C LEU B 89 14.95 34.91 -28.64
N SER B 90 15.42 35.24 -27.44
CA SER B 90 16.64 36.00 -27.31
C SER B 90 17.24 35.77 -25.92
N GLU B 91 18.57 35.73 -25.84
CA GLU B 91 19.20 35.84 -24.53
C GLU B 91 18.99 37.21 -23.91
N ASP B 92 18.68 38.23 -24.72
CA ASP B 92 18.32 39.56 -24.21
C ASP B 92 16.85 39.54 -23.78
N CYS B 93 16.61 39.03 -22.57
CA CYS B 93 15.24 38.69 -22.17
C CYS B 93 14.84 39.18 -20.78
N LEU B 94 15.74 39.74 -19.97
CA LEU B 94 15.43 40.00 -18.56
C LEU B 94 14.65 41.32 -18.42
N TYR B 95 13.36 41.25 -18.77
CA TYR B 95 12.41 42.33 -18.59
C TYR B 95 11.25 41.86 -17.72
N LEU B 96 10.56 42.82 -17.10
CA LEU B 96 9.39 42.54 -16.28
C LEU B 96 8.27 43.50 -16.65
N ASN B 97 7.07 43.17 -16.17
CA ASN B 97 5.84 43.87 -16.51
C ASN B 97 5.09 44.26 -15.25
N VAL B 98 4.54 45.47 -15.25
CA VAL B 98 3.72 45.99 -14.15
C VAL B 98 2.38 46.42 -14.74
N TRP B 99 1.28 45.95 -14.12
CA TRP B 99 -0.07 46.41 -14.42
C TRP B 99 -0.63 47.09 -13.18
N THR B 100 -1.30 48.23 -13.38
CA THR B 100 -1.85 49.02 -12.28
C THR B 100 -3.18 49.63 -12.71
N PRO B 101 -4.06 49.96 -11.78
CA PRO B 101 -5.31 50.63 -12.16
C PRO B 101 -5.07 51.99 -12.82
N TYR B 102 -6.07 52.42 -13.59
CA TYR B 102 -6.12 53.72 -14.22
C TYR B 102 -7.34 54.46 -13.70
N PRO B 103 -7.20 55.60 -13.02
CA PRO B 103 -5.92 56.22 -12.67
C PRO B 103 -5.14 55.48 -11.58
N ARG B 104 -3.87 55.81 -11.50
CA ARG B 104 -2.95 55.19 -10.54
C ARG B 104 -3.53 55.30 -9.14
N PRO B 105 -3.46 54.23 -8.33
CA PRO B 105 -4.03 54.28 -6.99
C PRO B 105 -3.37 55.38 -6.17
N THR B 106 -4.15 55.96 -5.25
CA THR B 106 -3.59 57.05 -4.45
C THR B 106 -3.20 56.61 -3.05
N SER B 107 -3.63 55.43 -2.61
CA SER B 107 -3.04 54.87 -1.41
C SER B 107 -2.38 53.55 -1.76
N PRO B 108 -1.36 53.12 -1.00
CA PRO B 108 -0.57 51.95 -1.40
C PRO B 108 -1.45 50.71 -1.53
N THR B 109 -1.35 50.05 -2.68
CA THR B 109 -2.18 48.94 -3.17
C THR B 109 -1.41 47.62 -3.12
N PRO B 110 -2.06 46.54 -2.67
CA PRO B 110 -1.35 45.26 -2.56
C PRO B 110 -0.92 44.71 -3.92
N VAL B 111 0.21 44.02 -3.92
CA VAL B 111 0.89 43.63 -5.14
C VAL B 111 0.91 42.12 -5.26
N LEU B 112 0.47 41.62 -6.41
CA LEU B 112 0.64 40.22 -6.78
C LEU B 112 1.78 40.12 -7.80
N VAL B 113 2.71 39.18 -7.56
CA VAL B 113 3.86 38.99 -8.44
C VAL B 113 3.83 37.56 -8.98
N TRP B 114 3.64 37.43 -10.29
CA TRP B 114 3.51 36.14 -10.97
C TRP B 114 4.86 35.57 -11.43
N ILE B 115 5.11 34.31 -11.12
CA ILE B 115 6.27 33.59 -11.64
C ILE B 115 5.77 32.43 -12.48
N TYR B 116 6.05 32.46 -13.78
CA TYR B 116 5.49 31.41 -14.63
C TYR B 116 6.24 30.10 -14.45
N GLY B 117 5.54 29.01 -14.82
CA GLY B 117 6.13 27.69 -14.96
C GLY B 117 6.64 27.43 -16.38
N GLY B 118 6.88 26.15 -16.68
CA GLY B 118 7.50 25.73 -17.93
C GLY B 118 8.65 24.75 -17.72
N GLY B 119 8.61 24.01 -16.61
CA GLY B 119 9.57 22.98 -16.29
C GLY B 119 10.98 23.46 -16.01
N PHE B 120 11.16 24.76 -15.79
CA PHE B 120 12.46 25.44 -15.73
C PHE B 120 13.20 25.42 -17.06
N TYR B 121 12.55 24.95 -18.13
CA TYR B 121 13.15 24.91 -19.45
C TYR B 121 12.40 25.77 -20.49
N SER B 122 11.24 26.32 -20.13
CA SER B 122 10.37 27.06 -21.04
C SER B 122 9.49 27.99 -20.21
N GLY B 123 8.67 28.76 -20.92
CA GLY B 123 7.78 29.72 -20.31
C GLY B 123 8.18 31.15 -20.65
N ALA B 124 7.25 32.07 -20.38
CA ALA B 124 7.43 33.49 -20.65
C ALA B 124 6.30 34.27 -20.00
N SER B 125 6.61 35.51 -19.58
CA SER B 125 5.57 36.30 -18.94
C SER B 125 4.60 36.92 -19.94
N SER B 126 4.85 36.76 -21.23
CA SER B 126 4.05 37.41 -22.27
C SER B 126 2.90 36.57 -22.77
N LEU B 127 2.87 35.29 -22.38
CA LEU B 127 1.85 34.36 -22.85
C LEU B 127 0.46 34.90 -22.59
N ASP B 128 -0.45 34.66 -23.55
CA ASP B 128 -1.81 35.21 -23.44
C ASP B 128 -2.49 34.83 -22.15
N VAL B 129 -2.20 33.62 -21.64
CA VAL B 129 -2.86 33.13 -20.44
C VAL B 129 -2.36 33.78 -19.16
N TYR B 130 -1.27 34.56 -19.19
CA TYR B 130 -0.79 35.29 -18.02
C TYR B 130 -1.10 36.79 -18.10
N ASP B 131 -2.02 37.18 -18.97
CA ASP B 131 -2.38 38.59 -19.14
C ASP B 131 -2.89 39.16 -17.82
N GLY B 132 -2.18 40.17 -17.30
CA GLY B 132 -2.54 40.72 -16.00
C GLY B 132 -3.68 41.71 -15.95
N ARG B 133 -4.29 42.07 -17.09
CA ARG B 133 -5.20 43.22 -17.10
C ARG B 133 -6.50 42.91 -16.37
N PHE B 134 -7.00 41.68 -16.49
CA PHE B 134 -8.27 41.36 -15.86
C PHE B 134 -8.16 41.31 -14.34
N LEU B 135 -7.09 40.71 -13.81
CA LEU B 135 -6.91 40.70 -12.36
C LEU B 135 -6.88 42.12 -11.80
N VAL B 136 -6.14 43.02 -12.47
CA VAL B 136 -5.95 44.37 -11.95
C VAL B 136 -7.25 45.15 -12.03
N GLN B 137 -7.99 44.96 -13.13
CA GLN B 137 -9.28 45.67 -13.35
C GLN B 137 -10.40 45.15 -12.43
N ALA B 138 -10.37 43.86 -12.07
CA ALA B 138 -11.43 43.26 -11.24
C ALA B 138 -11.16 43.41 -9.75
N GLU B 139 -9.90 43.42 -9.32
CA GLU B 139 -9.60 43.39 -7.91
C GLU B 139 -8.78 44.57 -7.42
N ARG B 140 -8.45 45.52 -8.30
CA ARG B 140 -7.72 46.73 -7.93
C ARG B 140 -6.43 46.40 -7.17
N THR B 141 -5.66 45.48 -7.72
CA THR B 141 -4.33 45.15 -7.27
C THR B 141 -3.32 45.68 -8.28
N VAL B 142 -2.06 45.70 -7.86
CA VAL B 142 -0.94 45.84 -8.79
C VAL B 142 -0.40 44.45 -9.08
N LEU B 143 -0.21 44.13 -10.35
CA LEU B 143 0.33 42.85 -10.77
C LEU B 143 1.69 43.04 -11.44
N VAL B 144 2.67 42.25 -11.02
CA VAL B 144 4.00 42.24 -11.62
C VAL B 144 4.31 40.81 -12.08
N SER B 145 4.94 40.69 -13.25
CA SER B 145 5.47 39.43 -13.72
C SER B 145 6.82 39.70 -14.35
N MET B 146 7.75 38.74 -14.21
CA MET B 146 9.09 38.89 -14.76
C MET B 146 9.44 37.72 -15.66
N ASN B 147 10.31 37.98 -16.62
CA ASN B 147 11.00 36.90 -17.33
C ASN B 147 12.24 36.50 -16.55
N TYR B 148 12.56 35.21 -16.58
CA TYR B 148 13.76 34.67 -15.95
C TYR B 148 14.32 33.60 -16.87
N ARG B 149 15.65 33.47 -16.88
CA ARG B 149 16.29 32.54 -17.80
C ARG B 149 15.92 31.10 -17.49
N VAL B 150 15.73 30.30 -18.54
CA VAL B 150 15.40 28.89 -18.40
C VAL B 150 16.44 28.04 -19.12
N GLY B 151 16.26 26.72 -19.09
CA GLY B 151 17.17 25.80 -19.71
C GLY B 151 18.60 25.93 -19.19
N ALA B 152 19.54 25.59 -20.07
CA ALA B 152 20.95 25.76 -19.71
C ALA B 152 21.25 27.21 -19.34
N PHE B 153 20.61 28.17 -20.00
CA PHE B 153 20.93 29.56 -19.75
C PHE B 153 20.54 29.98 -18.34
N GLY B 154 19.57 29.32 -17.75
CA GLY B 154 19.16 29.69 -16.40
C GLY B 154 19.69 28.77 -15.32
N PHE B 155 20.00 27.52 -15.69
CA PHE B 155 20.20 26.51 -14.66
C PHE B 155 21.31 25.51 -14.93
N LEU B 156 22.09 25.67 -16.00
CA LEU B 156 23.29 24.85 -16.12
C LEU B 156 24.19 25.16 -14.95
N ALA B 157 24.70 24.12 -14.30
CA ALA B 157 25.51 24.29 -13.11
C ALA B 157 26.78 23.48 -13.25
N LEU B 158 27.91 24.11 -12.99
CA LEU B 158 29.16 23.44 -12.67
C LEU B 158 29.46 23.87 -11.24
N PRO B 159 28.93 23.15 -10.25
CA PRO B 159 28.96 23.66 -8.87
C PRO B 159 30.39 23.91 -8.40
N GLY B 160 30.58 25.00 -7.65
CA GLY B 160 31.87 25.46 -7.23
C GLY B 160 32.48 26.54 -8.10
N SER B 161 32.21 26.52 -9.41
CA SER B 161 32.82 27.46 -10.34
C SER B 161 32.12 28.81 -10.31
N ARG B 162 32.89 29.87 -10.50
CA ARG B 162 32.25 31.18 -10.62
C ARG B 162 31.69 31.43 -12.01
N GLU B 163 32.08 30.62 -13.00
CA GLU B 163 31.68 30.90 -14.37
C GLU B 163 30.28 30.39 -14.70
N ALA B 164 29.86 29.28 -14.08
CA ALA B 164 28.52 28.73 -14.26
C ALA B 164 28.04 28.21 -12.92
N PRO B 165 27.74 29.11 -11.98
CA PRO B 165 27.42 28.68 -10.61
C PRO B 165 26.06 28.00 -10.49
N GLY B 166 25.22 28.06 -11.50
CA GLY B 166 23.89 27.50 -11.36
C GLY B 166 22.96 28.46 -10.65
N ASN B 167 21.66 28.20 -10.83
CA ASN B 167 20.57 28.90 -10.17
C ASN B 167 20.45 30.37 -10.60
N VAL B 168 21.06 30.77 -11.71
CA VAL B 168 20.97 32.18 -12.06
C VAL B 168 19.54 32.54 -12.46
N GLY B 169 18.76 31.59 -12.98
CA GLY B 169 17.35 31.84 -13.22
C GLY B 169 16.59 32.23 -11.97
N LEU B 170 16.92 31.60 -10.83
CA LEU B 170 16.28 32.03 -9.57
C LEU B 170 16.78 33.40 -9.16
N LEU B 171 18.06 33.70 -9.44
CA LEU B 171 18.60 35.02 -9.14
C LEU B 171 17.96 36.08 -10.03
N ASP B 172 17.61 35.72 -11.27
CA ASP B 172 16.79 36.62 -12.08
C ASP B 172 15.48 36.95 -11.36
N GLN B 173 14.80 35.92 -10.85
CA GLN B 173 13.57 36.14 -10.10
C GLN B 173 13.82 37.02 -8.88
N ARG B 174 14.86 36.70 -8.09
CA ARG B 174 15.14 37.49 -6.90
C ARG B 174 15.41 38.97 -7.26
N LEU B 175 16.18 39.21 -8.33
CA LEU B 175 16.48 40.58 -8.73
C LEU B 175 15.20 41.35 -9.08
N ALA B 176 14.28 40.69 -9.80
CA ALA B 176 12.99 41.30 -10.08
C ALA B 176 12.25 41.64 -8.80
N LEU B 177 12.28 40.72 -7.81
CA LEU B 177 11.61 40.95 -6.53
C LEU B 177 12.23 42.13 -5.79
N GLN B 178 13.56 42.28 -5.86
CA GLN B 178 14.20 43.49 -5.32
C GLN B 178 13.75 44.73 -6.09
N TRP B 179 13.58 44.60 -7.41
CA TRP B 179 13.03 45.69 -8.19
C TRP B 179 11.66 46.11 -7.66
N VAL B 180 10.81 45.14 -7.31
CA VAL B 180 9.46 45.44 -6.79
C VAL B 180 9.56 46.25 -5.50
N GLN B 181 10.46 45.87 -4.59
CA GLN B 181 10.61 46.62 -3.34
C GLN B 181 11.07 48.04 -3.59
N GLU B 182 12.01 48.24 -4.51
CA GLU B 182 12.54 49.58 -4.70
C GLU B 182 11.61 50.45 -5.51
N ASN B 183 10.79 49.89 -6.39
CA ASN B 183 10.12 50.66 -7.41
C ASN B 183 8.60 50.55 -7.45
N VAL B 184 7.99 49.58 -6.77
CA VAL B 184 6.56 49.32 -7.05
C VAL B 184 5.71 50.46 -6.52
N ALA B 185 6.19 51.18 -5.50
CA ALA B 185 5.43 52.30 -4.95
C ALA B 185 5.21 53.39 -5.99
N ALA B 186 6.14 53.54 -6.93
CA ALA B 186 5.97 54.52 -8.01
C ALA B 186 4.77 54.22 -8.89
N PHE B 187 4.26 53.00 -8.86
CA PHE B 187 3.07 52.64 -9.62
C PHE B 187 1.82 52.60 -8.75
N GLY B 188 1.94 52.92 -7.46
CA GLY B 188 0.84 52.81 -6.52
C GLY B 188 0.82 51.54 -5.71
N GLY B 189 1.78 50.64 -5.92
CA GLY B 189 1.79 49.39 -5.20
C GLY B 189 2.45 49.50 -3.84
N ASP B 190 2.02 48.62 -2.93
CA ASP B 190 2.50 48.62 -1.56
C ASP B 190 3.62 47.60 -1.40
N PRO B 191 4.88 48.03 -1.26
CA PRO B 191 5.98 47.06 -1.06
C PRO B 191 5.89 46.26 0.24
N THR B 192 4.99 46.62 1.16
CA THR B 192 4.83 45.86 2.39
C THR B 192 3.74 44.80 2.30
N SER B 193 3.04 44.68 1.15
CA SER B 193 2.01 43.65 0.89
C SER B 193 2.27 43.04 -0.50
N VAL B 194 3.22 42.12 -0.59
CA VAL B 194 3.60 41.48 -1.84
C VAL B 194 3.36 39.99 -1.72
N THR B 195 2.49 39.48 -2.58
CA THR B 195 2.14 38.06 -2.63
C THR B 195 2.75 37.44 -3.88
N LEU B 196 3.64 36.48 -3.70
CA LEU B 196 4.15 35.70 -4.82
C LEU B 196 3.14 34.64 -5.23
N PHE B 197 2.99 34.42 -6.53
CA PHE B 197 2.23 33.25 -6.95
C PHE B 197 2.77 32.71 -8.27
N GLY B 198 2.63 31.40 -8.44
CA GLY B 198 3.19 30.71 -9.59
C GLY B 198 2.63 29.32 -9.73
N GLU B 199 2.86 28.72 -10.90
CA GLU B 199 2.33 27.42 -11.22
C GLU B 199 3.44 26.52 -11.76
N SER B 200 3.34 25.22 -11.45
CA SER B 200 4.36 24.21 -11.84
C SER B 200 5.72 24.70 -11.37
N ALA B 201 6.74 24.70 -12.24
CA ALA B 201 8.04 25.23 -11.85
C ALA B 201 7.95 26.63 -11.26
N GLY B 202 6.95 27.41 -11.67
CA GLY B 202 6.71 28.70 -11.02
C GLY B 202 6.37 28.55 -9.56
N ALA B 203 5.56 27.53 -9.22
CA ALA B 203 5.20 27.30 -7.83
C ALA B 203 6.40 26.80 -7.04
N ALA B 204 7.18 25.88 -7.62
CA ALA B 204 8.41 25.45 -6.98
C ALA B 204 9.34 26.64 -6.79
N SER B 205 9.39 27.55 -7.76
CA SER B 205 10.17 28.76 -7.60
C SER B 205 9.70 29.57 -6.40
N VAL B 206 8.39 29.82 -6.31
CA VAL B 206 7.81 30.47 -5.13
C VAL B 206 8.31 29.78 -3.86
N GLY B 207 8.21 28.45 -3.82
CA GLY B 207 8.63 27.73 -2.62
C GLY B 207 10.10 27.91 -2.30
N MET B 208 10.94 27.98 -3.32
CA MET B 208 12.37 28.17 -3.09
C MET B 208 12.67 29.54 -2.52
N HIS B 209 11.92 30.59 -2.93
CA HIS B 209 12.09 31.88 -2.28
C HIS B 209 11.67 31.83 -0.80
N LEU B 210 10.70 30.97 -0.46
CA LEU B 210 10.32 30.77 0.95
C LEU B 210 11.47 30.20 1.76
N LEU B 211 12.28 29.34 1.15
CA LEU B 211 13.33 28.59 1.84
C LEU B 211 14.71 29.20 1.64
N SER B 212 14.80 30.39 1.07
CA SER B 212 16.08 31.07 0.92
C SER B 212 15.96 32.41 1.62
N PRO B 213 16.70 32.63 2.70
CA PRO B 213 16.50 33.85 3.52
C PRO B 213 16.63 35.14 2.73
N PRO B 214 17.62 35.27 1.82
CA PRO B 214 17.73 36.56 1.07
C PRO B 214 16.47 36.91 0.28
N SER B 215 15.71 35.92 -0.19
CA SER B 215 14.44 36.24 -0.85
C SER B 215 13.32 36.47 0.13
N ARG B 216 13.45 35.93 1.36
CA ARG B 216 12.31 35.90 2.29
C ARG B 216 11.90 37.30 2.74
N GLY B 217 12.82 38.24 2.74
CA GLY B 217 12.44 39.60 3.08
C GLY B 217 11.80 40.41 1.99
N LEU B 218 11.64 39.84 0.79
CA LEU B 218 11.11 40.57 -0.36
C LEU B 218 9.62 40.31 -0.62
N PHE B 219 8.95 39.49 0.19
CA PHE B 219 7.53 39.24 0.02
C PHE B 219 6.92 38.79 1.34
N HIS B 220 5.59 38.68 1.37
CA HIS B 220 4.88 38.47 2.62
C HIS B 220 3.98 37.24 2.61
N ARG B 221 3.49 36.85 1.43
CA ARG B 221 2.59 35.72 1.28
C ARG B 221 2.95 34.98 0.00
N ALA B 222 2.45 33.76 -0.11
CA ALA B 222 2.84 32.88 -1.20
C ALA B 222 1.64 32.06 -1.63
N VAL B 223 1.58 31.78 -2.92
CA VAL B 223 0.60 30.90 -3.54
C VAL B 223 1.34 29.91 -4.42
N LEU B 224 1.16 28.62 -4.18
CA LEU B 224 1.82 27.55 -4.94
C LEU B 224 0.74 26.75 -5.63
N GLN B 225 0.63 26.91 -6.95
CA GLN B 225 -0.36 26.22 -7.76
C GLN B 225 0.32 25.05 -8.48
N SER B 226 -0.07 23.82 -8.11
CA SER B 226 0.36 22.61 -8.83
C SER B 226 1.89 22.49 -8.89
N GLY B 227 2.56 22.78 -7.79
CA GLY B 227 4.01 22.70 -7.78
C GLY B 227 4.53 23.02 -6.40
N ALA B 228 5.73 22.52 -6.13
CA ALA B 228 6.33 22.61 -4.80
C ALA B 228 7.82 22.45 -4.95
N PRO B 229 8.62 23.16 -4.16
CA PRO B 229 10.08 23.07 -4.30
C PRO B 229 10.65 21.69 -4.01
N ASN B 230 9.92 20.84 -3.26
CA ASN B 230 10.36 19.49 -2.93
C ASN B 230 9.95 18.43 -3.96
N GLY B 231 9.33 18.83 -5.07
CA GLY B 231 9.07 17.90 -6.15
C GLY B 231 10.34 17.18 -6.62
N PRO B 232 10.24 15.87 -6.89
CA PRO B 232 11.43 15.13 -7.35
C PRO B 232 12.03 15.65 -8.66
N TRP B 233 11.37 16.60 -9.34
CA TRP B 233 11.85 17.17 -10.60
C TRP B 233 12.42 18.58 -10.45
N ALA B 234 12.14 19.25 -9.33
CA ALA B 234 12.41 20.67 -9.16
C ALA B 234 13.86 20.98 -8.77
N THR B 235 14.56 20.05 -8.15
CA THR B 235 15.97 20.26 -7.85
C THR B 235 16.75 19.04 -8.28
N VAL B 236 18.06 19.24 -8.43
CA VAL B 236 19.01 18.18 -8.70
C VAL B 236 20.20 18.40 -7.77
N GLY B 237 20.95 17.32 -7.50
CA GLY B 237 22.13 17.43 -6.67
C GLY B 237 23.37 17.90 -7.48
N MET B 238 24.40 18.30 -6.74
CA MET B 238 25.59 18.91 -7.34
C MET B 238 26.24 18.01 -8.38
N GLY B 239 26.40 16.73 -8.05
CA GLY B 239 27.07 15.81 -8.95
C GLY B 239 26.31 15.55 -10.22
N GLU B 240 25.00 15.35 -10.11
CA GLU B 240 24.21 15.08 -11.31
C GLU B 240 24.08 16.34 -12.16
N ALA B 241 24.05 17.52 -11.53
CA ALA B 241 24.08 18.78 -12.27
C ALA B 241 25.38 18.90 -13.06
N ARG B 242 26.51 18.58 -12.43
CA ARG B 242 27.79 18.62 -13.12
C ARG B 242 27.83 17.62 -14.27
N ARG B 243 27.27 16.42 -14.06
CA ARG B 243 27.30 15.41 -15.11
C ARG B 243 26.50 15.88 -16.31
N ARG B 244 25.35 16.53 -16.05
CA ARG B 244 24.50 17.03 -17.13
C ARG B 244 25.15 18.20 -17.86
N ALA B 245 25.74 19.13 -17.11
CA ALA B 245 26.45 20.24 -17.73
C ALA B 245 27.59 19.71 -18.58
N THR B 246 28.33 18.76 -18.04
CA THR B 246 29.48 18.23 -18.74
C THR B 246 29.08 17.44 -19.99
N GLN B 247 27.96 16.70 -19.92
N GLN B 247 27.96 16.71 -19.94
CA GLN B 247 27.52 15.98 -21.11
CA GLN B 247 27.54 15.98 -21.12
C GLN B 247 27.03 16.94 -22.18
C GLN B 247 26.98 16.91 -22.19
N LEU B 248 26.35 18.02 -21.78
CA LEU B 248 25.91 19.02 -22.75
C LEU B 248 27.11 19.64 -23.45
N ALA B 249 28.11 20.06 -22.68
CA ALA B 249 29.34 20.57 -23.27
C ALA B 249 29.96 19.56 -24.23
N HIS B 250 30.02 18.30 -23.81
CA HIS B 250 30.60 17.28 -24.66
C HIS B 250 29.82 17.16 -25.96
N LEU B 251 28.49 17.17 -25.86
CA LEU B 251 27.66 16.98 -27.04
C LEU B 251 27.77 18.13 -28.05
N VAL B 252 28.33 19.27 -27.66
CA VAL B 252 28.48 20.43 -28.53
C VAL B 252 29.95 20.81 -28.74
N GLY B 253 30.86 19.88 -28.45
CA GLY B 253 32.25 20.04 -28.76
C GLY B 253 33.12 20.70 -27.72
N CYS B 254 32.71 20.76 -26.46
CA CYS B 254 33.53 21.41 -25.45
C CYS B 254 33.96 20.38 -24.42
N PRO B 255 35.25 20.32 -24.03
CA PRO B 255 36.36 21.02 -24.69
C PRO B 255 36.67 20.35 -26.03
N PRO B 256 37.41 21.03 -26.92
CA PRO B 256 37.92 20.41 -28.15
C PRO B 256 38.82 19.20 -27.86
N THR B 259 35.76 16.12 -22.78
CA THR B 259 35.04 15.94 -21.51
C THR B 259 35.72 16.58 -20.30
N GLY B 260 35.02 17.53 -19.68
CA GLY B 260 35.49 18.10 -18.41
C GLY B 260 36.72 18.97 -18.56
N GLY B 261 37.61 18.88 -17.56
CA GLY B 261 38.81 19.70 -17.48
C GLY B 261 38.67 20.93 -16.62
N ASN B 262 39.35 22.02 -17.00
CA ASN B 262 39.17 23.32 -16.37
C ASN B 262 37.73 23.80 -16.56
N ASP B 263 37.06 24.14 -15.44
CA ASP B 263 35.69 24.66 -15.56
C ASP B 263 35.67 25.96 -16.37
N THR B 264 36.63 26.84 -16.12
CA THR B 264 36.68 28.13 -16.80
C THR B 264 36.80 27.95 -18.31
N GLU B 265 37.65 27.03 -18.76
CA GLU B 265 37.80 26.81 -20.20
C GLU B 265 36.53 26.22 -20.80
N LEU B 266 35.89 25.31 -20.06
CA LEU B 266 34.70 24.62 -20.58
C LEU B 266 33.51 25.57 -20.73
N VAL B 267 33.29 26.44 -19.74
CA VAL B 267 32.19 27.37 -19.88
C VAL B 267 32.51 28.39 -20.95
N ALA B 268 33.77 28.82 -21.03
CA ALA B 268 34.18 29.72 -22.11
C ALA B 268 33.88 29.13 -23.48
N CYS B 269 34.11 27.82 -23.64
CA CYS B 269 33.77 27.18 -24.91
C CYS B 269 32.27 27.10 -25.10
N LEU B 270 31.52 26.88 -24.00
CA LEU B 270 30.06 26.89 -24.08
C LEU B 270 29.55 28.27 -24.49
N ARG B 271 30.17 29.35 -23.98
CA ARG B 271 29.70 30.68 -24.31
C ARG B 271 29.80 30.98 -25.81
N THR B 272 30.68 30.28 -26.53
CA THR B 272 30.81 30.51 -27.97
C THR B 272 29.76 29.76 -28.77
N ARG B 273 29.01 28.85 -28.18
CA ARG B 273 28.06 28.13 -29.03
C ARG B 273 26.80 28.97 -29.24
N PRO B 274 26.24 28.98 -30.44
CA PRO B 274 24.96 29.66 -30.65
C PRO B 274 23.91 29.12 -29.69
N ALA B 275 23.08 30.04 -29.17
CA ALA B 275 22.08 29.66 -28.18
C ALA B 275 21.28 28.46 -28.63
N GLN B 276 20.83 28.47 -29.90
CA GLN B 276 19.96 27.39 -30.38
C GLN B 276 20.66 26.04 -30.37
N VAL B 277 21.99 26.03 -30.52
CA VAL B 277 22.70 24.76 -30.50
C VAL B 277 22.60 24.11 -29.12
N LEU B 278 22.72 24.92 -28.06
CA LEU B 278 22.55 24.37 -26.72
C LEU B 278 21.16 23.76 -26.55
N VAL B 279 20.13 24.52 -26.93
CA VAL B 279 18.75 24.04 -26.82
C VAL B 279 18.55 22.73 -27.59
N ASN B 280 19.16 22.61 -28.78
CA ASN B 280 18.96 21.42 -29.61
C ASN B 280 19.50 20.18 -28.93
N HIS B 281 20.40 20.32 -27.98
CA HIS B 281 20.95 19.18 -27.28
C HIS B 281 20.44 19.07 -25.86
N GLU B 282 19.53 19.96 -25.43
CA GLU B 282 19.15 20.06 -24.03
C GLU B 282 18.66 18.72 -23.48
N TRP B 283 17.74 18.08 -24.19
CA TRP B 283 17.09 16.88 -23.69
C TRP B 283 18.00 15.66 -23.66
N HIS B 284 19.13 15.70 -24.38
CA HIS B 284 19.96 14.52 -24.50
C HIS B 284 20.82 14.27 -23.26
N VAL B 285 20.82 15.16 -22.27
CA VAL B 285 21.64 14.92 -21.08
C VAL B 285 20.89 14.18 -19.98
N LEU B 286 19.60 13.91 -20.15
CA LEU B 286 18.83 13.18 -19.14
C LEU B 286 19.27 11.72 -19.07
N PRO B 287 19.42 11.17 -17.85
CA PRO B 287 19.99 9.81 -17.71
C PRO B 287 19.08 8.69 -18.18
N GLN B 288 17.77 8.88 -18.27
CA GLN B 288 16.92 7.83 -18.83
C GLN B 288 15.69 8.47 -19.44
N GLU B 289 15.01 7.65 -20.25
CA GLU B 289 13.70 8.02 -20.76
C GLU B 289 12.77 8.28 -19.59
N SER B 290 12.00 9.35 -19.68
CA SER B 290 11.22 9.78 -18.52
C SER B 290 10.07 10.66 -19.00
N VAL B 291 9.12 10.89 -18.11
CA VAL B 291 8.25 12.04 -18.22
C VAL B 291 8.41 12.83 -16.93
N PHE B 292 8.07 14.12 -17.00
CA PHE B 292 8.18 15.02 -15.84
C PHE B 292 9.61 15.11 -15.31
N ARG B 293 10.62 15.05 -16.19
CA ARG B 293 12.00 15.31 -15.78
C ARG B 293 12.62 16.32 -16.75
N PHE B 294 13.42 17.23 -16.22
CA PHE B 294 13.92 18.33 -17.04
C PHE B 294 15.41 18.51 -16.79
N SER B 295 16.14 18.88 -17.84
CA SER B 295 17.59 18.74 -17.82
C SER B 295 18.24 19.70 -16.82
N PHE B 296 17.83 20.95 -16.84
CA PHE B 296 18.50 21.98 -16.06
C PHE B 296 17.50 22.62 -15.10
N VAL B 297 17.67 22.33 -13.81
CA VAL B 297 16.72 22.79 -12.79
C VAL B 297 17.55 23.37 -11.65
N PRO B 298 16.94 24.04 -10.66
CA PRO B 298 17.72 24.49 -9.50
C PRO B 298 18.59 23.39 -8.90
N VAL B 299 19.83 23.77 -8.54
CA VAL B 299 20.81 22.87 -7.94
C VAL B 299 20.91 23.15 -6.44
N VAL B 300 20.99 22.09 -5.63
CA VAL B 300 21.17 22.22 -4.18
C VAL B 300 22.68 22.20 -3.92
N ASP B 301 23.25 23.38 -3.67
CA ASP B 301 24.68 23.52 -3.52
C ASP B 301 25.07 24.29 -2.25
N GLY B 302 24.12 24.55 -1.34
CA GLY B 302 24.40 25.25 -0.13
C GLY B 302 24.16 26.74 -0.19
N ASP B 303 24.10 27.29 -1.40
CA ASP B 303 23.98 28.74 -1.54
C ASP B 303 22.54 29.21 -1.53
N PHE B 304 21.91 29.26 -2.71
CA PHE B 304 20.51 29.65 -2.75
C PHE B 304 19.68 28.76 -1.82
N LEU B 305 19.98 27.45 -1.80
CA LEU B 305 19.35 26.43 -0.94
C LEU B 305 20.43 25.81 -0.06
N SER B 306 20.37 26.08 1.24
CA SER B 306 21.38 25.54 2.14
C SER B 306 21.24 24.04 2.34
N ASP B 307 20.05 23.50 2.12
CA ASP B 307 19.77 22.07 2.20
C ASP B 307 18.73 21.74 1.14
N THR B 308 18.32 20.47 1.08
CA THR B 308 17.25 20.13 0.16
C THR B 308 15.96 20.81 0.61
N PRO B 309 15.05 21.08 -0.33
CA PRO B 309 13.78 21.67 0.06
C PRO B 309 12.99 20.81 1.06
N GLU B 310 13.12 19.49 1.01
CA GLU B 310 12.46 18.66 2.02
C GLU B 310 13.00 18.96 3.41
N ALA B 311 14.31 19.06 3.54
CA ALA B 311 14.91 19.31 4.85
C ALA B 311 14.55 20.70 5.39
N LEU B 312 14.64 21.73 4.53
CA LEU B 312 14.34 23.08 5.01
C LEU B 312 12.88 23.21 5.38
N ILE B 313 12.01 22.49 4.67
CA ILE B 313 10.59 22.48 5.00
C ILE B 313 10.37 21.84 6.38
N ASN B 314 11.02 20.71 6.63
CA ASN B 314 10.88 20.02 7.91
C ASN B 314 11.50 20.77 9.08
N ALA B 315 12.46 21.66 8.81
CA ALA B 315 13.28 22.28 9.84
C ALA B 315 12.96 23.75 10.08
N GLY B 316 11.93 24.30 9.45
CA GLY B 316 11.73 25.72 9.41
C GLY B 316 10.63 26.19 10.34
N ASP B 317 10.81 27.37 10.90
CA ASP B 317 9.74 28.04 11.63
C ASP B 317 9.02 28.95 10.68
N PHE B 318 7.72 28.70 10.47
CA PHE B 318 6.92 29.41 9.49
C PHE B 318 5.80 30.22 10.14
N HIS B 319 5.96 30.58 11.41
CA HIS B 319 4.99 31.45 12.05
C HIS B 319 4.98 32.81 11.36
N GLY B 320 3.79 33.36 11.19
CA GLY B 320 3.62 34.63 10.49
C GLY B 320 3.41 34.50 8.99
N LEU B 321 3.50 33.29 8.44
CA LEU B 321 3.35 33.06 7.02
C LEU B 321 1.95 32.55 6.71
N GLN B 322 1.30 33.17 5.73
CA GLN B 322 0.09 32.63 5.12
C GLN B 322 0.43 32.16 3.71
N VAL B 323 -0.06 30.98 3.35
CA VAL B 323 0.25 30.35 2.08
C VAL B 323 -1.02 29.71 1.54
N LEU B 324 -1.20 29.77 0.23
CA LEU B 324 -2.35 29.17 -0.45
C LEU B 324 -1.82 28.17 -1.47
N VAL B 325 -2.22 26.90 -1.31
CA VAL B 325 -1.67 25.80 -2.09
C VAL B 325 -2.80 25.03 -2.75
N GLY B 326 -2.48 24.41 -3.88
CA GLY B 326 -3.48 23.54 -4.47
C GLY B 326 -2.95 22.83 -5.70
N VAL B 327 -3.86 22.05 -6.27
CA VAL B 327 -3.59 21.17 -7.40
C VAL B 327 -4.85 21.16 -8.25
N VAL B 328 -4.73 20.69 -9.49
CA VAL B 328 -5.88 20.42 -10.33
C VAL B 328 -6.28 18.95 -10.20
N LYS B 329 -7.42 18.58 -10.80
CA LYS B 329 -8.00 17.27 -10.53
C LYS B 329 -7.19 16.14 -11.16
N ASP B 330 -6.53 16.39 -12.30
CA ASP B 330 -5.82 15.35 -13.05
C ASP B 330 -4.39 15.83 -13.37
N GLU B 331 -3.55 15.91 -12.35
CA GLU B 331 -2.23 16.49 -12.50
C GLU B 331 -1.37 15.72 -13.50
N GLY B 332 -1.57 14.41 -13.60
CA GLY B 332 -0.67 13.61 -14.39
C GLY B 332 -0.98 13.39 -15.86
N SER B 333 -2.24 13.55 -16.26
CA SER B 333 -2.68 13.14 -17.60
C SER B 333 -1.82 13.74 -18.72
N TYR B 334 -1.70 15.07 -18.75
CA TYR B 334 -0.91 15.80 -19.76
C TYR B 334 0.43 15.13 -20.02
N PHE B 335 1.11 14.71 -18.95
CA PHE B 335 2.49 14.26 -19.07
C PHE B 335 2.62 12.91 -19.75
N LEU B 336 1.56 12.10 -19.73
CA LEU B 336 1.66 10.74 -20.23
C LEU B 336 1.90 10.69 -21.75
N VAL B 337 1.37 11.67 -22.49
CA VAL B 337 1.52 11.61 -23.95
C VAL B 337 2.91 12.01 -24.38
N TYR B 338 3.78 12.38 -23.46
CA TYR B 338 5.15 12.74 -23.76
C TYR B 338 6.13 11.61 -23.49
N GLY B 339 5.68 10.35 -23.52
CA GLY B 339 6.65 9.27 -23.43
C GLY B 339 6.19 7.96 -22.83
N ALA B 340 5.06 7.93 -22.14
CA ALA B 340 4.56 6.67 -21.60
C ALA B 340 3.99 5.80 -22.72
N PRO B 341 4.43 4.55 -22.86
CA PRO B 341 4.00 3.72 -23.98
C PRO B 341 2.48 3.54 -24.02
N GLY B 342 1.92 3.71 -25.21
CA GLY B 342 0.51 3.51 -25.47
C GLY B 342 -0.35 4.75 -25.35
N PHE B 343 0.23 5.90 -25.03
CA PHE B 343 -0.55 7.11 -24.77
C PHE B 343 -0.55 8.01 -25.98
N SER B 344 -1.69 8.65 -26.22
CA SER B 344 -1.85 9.66 -27.26
C SER B 344 -3.00 10.58 -26.88
N LYS B 345 -2.87 11.86 -27.25
CA LYS B 345 -4.02 12.74 -27.13
C LYS B 345 -5.10 12.39 -28.15
N ASP B 346 -4.77 11.60 -29.16
CA ASP B 346 -5.66 11.35 -30.30
C ASP B 346 -6.34 10.00 -30.27
N ASN B 347 -6.17 9.20 -29.21
CA ASN B 347 -7.03 8.02 -29.00
C ASN B 347 -7.35 7.94 -27.50
N GLU B 348 -8.07 6.89 -27.11
CA GLU B 348 -8.50 6.77 -25.73
C GLU B 348 -7.37 6.37 -24.79
N SER B 349 -6.21 6.01 -25.32
CA SER B 349 -5.04 5.64 -24.52
C SER B 349 -5.36 4.55 -23.49
N LEU B 350 -6.10 3.54 -23.95
CA LEU B 350 -6.55 2.44 -23.09
C LEU B 350 -5.45 1.37 -23.04
N ILE B 351 -4.45 1.60 -22.19
CA ILE B 351 -3.21 0.82 -22.23
C ILE B 351 -3.43 -0.57 -21.66
N SER B 352 -2.47 -1.44 -21.95
CA SER B 352 -2.39 -2.80 -21.46
C SER B 352 -1.55 -2.84 -20.18
N ARG B 353 -1.68 -3.97 -19.47
CA ARG B 353 -0.92 -4.14 -18.24
C ARG B 353 0.57 -4.03 -18.49
N ALA B 354 1.05 -4.63 -19.59
CA ALA B 354 2.46 -4.51 -19.94
C ALA B 354 2.84 -3.06 -20.19
N GLU B 355 1.98 -2.30 -20.86
CA GLU B 355 2.26 -0.89 -21.05
C GLU B 355 2.26 -0.13 -19.73
N PHE B 356 1.31 -0.46 -18.84
CA PHE B 356 1.29 0.17 -17.52
C PHE B 356 2.59 -0.06 -16.77
N LEU B 357 3.02 -1.33 -16.68
CA LEU B 357 4.24 -1.64 -15.94
C LEU B 357 5.45 -0.96 -16.55
N ALA B 358 5.49 -0.86 -17.88
CA ALA B 358 6.56 -0.12 -18.54
C ALA B 358 6.47 1.37 -18.24
N GLY B 359 5.26 1.91 -18.24
CA GLY B 359 5.09 3.32 -17.94
C GLY B 359 5.50 3.67 -16.52
N VAL B 360 5.39 2.71 -15.60
CA VAL B 360 5.82 2.98 -14.23
C VAL B 360 7.28 3.40 -14.20
N ARG B 361 8.13 2.76 -15.03
CA ARG B 361 9.56 3.12 -15.07
C ARG B 361 9.79 4.44 -15.80
N VAL B 362 8.90 4.83 -16.72
CA VAL B 362 9.04 6.13 -17.35
C VAL B 362 8.66 7.23 -16.36
N GLY B 363 7.54 7.04 -15.67
CA GLY B 363 7.01 8.02 -14.74
C GLY B 363 7.70 8.08 -13.40
N VAL B 364 8.36 7.00 -13.00
CA VAL B 364 9.14 7.03 -11.75
C VAL B 364 10.56 6.65 -12.13
N PRO B 365 11.27 7.51 -12.85
CA PRO B 365 12.59 7.14 -13.39
C PRO B 365 13.64 7.05 -12.30
N GLN B 366 14.69 6.28 -12.60
CA GLN B 366 15.90 6.20 -11.76
C GLN B 366 15.61 5.76 -10.32
N VAL B 367 14.74 4.77 -10.14
CA VAL B 367 14.55 4.16 -8.82
C VAL B 367 14.81 2.65 -8.94
N SER B 368 15.06 2.02 -7.80
CA SER B 368 15.37 0.58 -7.78
C SER B 368 14.18 -0.24 -8.28
N ASP B 369 14.47 -1.45 -8.75
CA ASP B 369 13.40 -2.37 -9.15
C ASP B 369 12.39 -2.57 -8.02
N LEU B 370 12.88 -2.66 -6.79
CA LEU B 370 11.99 -2.85 -5.66
C LEU B 370 11.08 -1.64 -5.47
N ALA B 371 11.62 -0.44 -5.64
CA ALA B 371 10.81 0.77 -5.56
C ALA B 371 9.71 0.74 -6.60
N ALA B 372 10.05 0.34 -7.83
CA ALA B 372 9.05 0.19 -8.88
C ALA B 372 7.96 -0.81 -8.47
N GLU B 373 8.35 -1.92 -7.82
CA GLU B 373 7.38 -2.89 -7.37
C GLU B 373 6.45 -2.30 -6.32
N ALA B 374 7.01 -1.52 -5.38
CA ALA B 374 6.15 -0.84 -4.40
C ALA B 374 5.13 0.08 -5.06
N VAL B 375 5.52 0.72 -6.17
CA VAL B 375 4.59 1.56 -6.92
C VAL B 375 3.49 0.70 -7.55
N VAL B 376 3.88 -0.42 -8.18
CA VAL B 376 2.88 -1.27 -8.83
C VAL B 376 1.90 -1.83 -7.80
N LEU B 377 2.40 -2.18 -6.61
CA LEU B 377 1.54 -2.72 -5.57
C LEU B 377 0.46 -1.73 -5.18
N HIS B 378 0.86 -0.49 -4.92
CA HIS B 378 -0.09 0.50 -4.40
C HIS B 378 -1.07 0.99 -5.46
N TYR B 379 -0.68 0.97 -6.74
CA TYR B 379 -1.52 1.55 -7.79
C TYR B 379 -2.19 0.47 -8.63
N THR B 380 -2.00 -0.79 -8.31
CA THR B 380 -2.76 -1.86 -8.97
C THR B 380 -4.02 -2.13 -8.16
N ASP B 381 -5.17 -2.20 -8.84
CA ASP B 381 -6.37 -2.78 -8.24
C ASP B 381 -6.35 -4.29 -8.49
N TRP B 382 -6.14 -5.07 -7.45
CA TRP B 382 -5.91 -6.49 -7.66
C TRP B 382 -7.19 -7.29 -7.91
N LEU B 383 -8.36 -6.66 -7.89
CA LEU B 383 -9.59 -7.27 -8.40
C LEU B 383 -9.80 -6.98 -9.89
N HIS B 384 -9.05 -6.05 -10.44
CA HIS B 384 -9.11 -5.67 -11.84
C HIS B 384 -7.71 -5.33 -12.31
N PRO B 385 -6.74 -6.25 -12.21
CA PRO B 385 -5.34 -5.87 -12.48
C PRO B 385 -5.08 -5.47 -13.91
N GLU B 386 -5.94 -5.82 -14.86
CA GLU B 386 -5.66 -5.58 -16.26
C GLU B 386 -6.68 -4.69 -16.97
N ASP B 387 -7.61 -4.06 -16.26
CA ASP B 387 -8.60 -3.22 -16.92
C ASP B 387 -7.92 -1.99 -17.56
N PRO B 388 -7.95 -1.87 -18.90
CA PRO B 388 -7.27 -0.73 -19.54
C PRO B 388 -7.70 0.61 -19.00
N ALA B 389 -9.00 0.84 -18.84
CA ALA B 389 -9.38 2.15 -18.31
C ALA B 389 -8.73 2.40 -16.95
N ARG B 390 -8.82 1.40 -16.05
CA ARG B 390 -8.29 1.61 -14.70
C ARG B 390 -6.77 1.81 -14.72
N LEU B 391 -6.08 1.09 -15.61
CA LEU B 391 -4.63 1.28 -15.73
C LEU B 391 -4.27 2.70 -16.20
N ARG B 392 -5.04 3.26 -17.14
CA ARG B 392 -4.78 4.60 -17.65
C ARG B 392 -4.80 5.63 -16.52
N GLU B 393 -5.84 5.59 -15.72
CA GLU B 393 -6.04 6.53 -14.63
C GLU B 393 -5.06 6.29 -13.50
N ALA B 394 -4.56 5.08 -13.38
CA ALA B 394 -3.58 4.77 -12.35
C ALA B 394 -2.21 5.32 -12.72
N LEU B 395 -1.78 5.16 -13.97
CA LEU B 395 -0.50 5.74 -14.35
C LEU B 395 -0.57 7.25 -14.29
N SER B 396 -1.71 7.84 -14.69
CA SER B 396 -1.94 9.26 -14.50
C SER B 396 -1.73 9.64 -13.03
N ASP B 397 -2.37 8.89 -12.12
CA ASP B 397 -2.23 9.14 -10.69
C ASP B 397 -0.80 8.94 -10.20
N VAL B 398 -0.10 7.91 -10.72
CA VAL B 398 1.31 7.75 -10.36
C VAL B 398 2.08 9.02 -10.66
N VAL B 399 1.99 9.47 -11.91
CA VAL B 399 2.74 10.65 -12.34
C VAL B 399 2.25 11.89 -11.58
N GLY B 400 0.93 12.05 -11.46
CA GLY B 400 0.43 13.21 -10.76
C GLY B 400 0.80 13.22 -9.30
N ASP B 401 0.67 12.07 -8.61
CA ASP B 401 0.92 12.02 -7.17
C ASP B 401 2.40 12.24 -6.86
N HIS B 402 3.27 11.55 -7.61
CA HIS B 402 4.71 11.59 -7.36
C HIS B 402 5.28 12.99 -7.62
N ASN B 403 4.83 13.65 -8.67
CA ASN B 403 5.48 14.90 -9.07
C ASN B 403 4.80 16.14 -8.51
N VAL B 404 3.49 16.10 -8.26
CA VAL B 404 2.76 17.30 -7.86
C VAL B 404 2.01 17.11 -6.55
N VAL B 405 1.01 16.22 -6.51
CA VAL B 405 0.08 16.19 -5.38
C VAL B 405 0.80 15.91 -4.06
N CYS B 406 1.71 14.96 -4.05
CA CYS B 406 2.23 14.58 -2.73
C CYS B 406 3.35 15.51 -2.28
N PRO B 407 4.15 16.09 -3.19
CA PRO B 407 5.00 17.24 -2.78
C PRO B 407 4.20 18.43 -2.26
N VAL B 408 3.10 18.82 -2.93
CA VAL B 408 2.24 19.86 -2.39
C VAL B 408 1.70 19.47 -1.02
N ALA B 409 1.23 18.23 -0.86
CA ALA B 409 0.66 17.79 0.42
C ALA B 409 1.70 17.82 1.54
N GLN B 410 2.92 17.37 1.25
CA GLN B 410 3.96 17.40 2.27
C GLN B 410 4.23 18.83 2.72
N LEU B 411 4.44 19.74 1.76
CA LEU B 411 4.65 21.14 2.08
C LEU B 411 3.50 21.71 2.90
N ALA B 412 2.26 21.50 2.45
CA ALA B 412 1.11 22.06 3.15
C ALA B 412 1.07 21.59 4.59
N GLY B 413 1.20 20.27 4.80
CA GLY B 413 1.10 19.73 6.14
C GLY B 413 2.24 20.15 7.04
N ARG B 414 3.48 20.15 6.52
CA ARG B 414 4.61 20.56 7.34
C ARG B 414 4.55 22.04 7.69
N LEU B 415 4.19 22.90 6.74
CA LEU B 415 4.09 24.34 7.03
C LEU B 415 3.00 24.59 8.06
N ALA B 416 1.86 23.91 7.91
CA ALA B 416 0.76 24.08 8.86
C ALA B 416 1.20 23.72 10.27
N ALA B 417 1.85 22.56 10.42
CA ALA B 417 2.26 22.11 11.75
C ALA B 417 3.40 22.91 12.33
N GLN B 418 4.04 23.80 11.57
CA GLN B 418 5.15 24.58 12.10
C GLN B 418 4.86 26.07 12.01
N GLY B 419 3.59 26.45 12.07
CA GLY B 419 3.20 27.81 12.35
C GLY B 419 2.48 28.53 11.25
N ALA B 420 2.45 28.02 10.03
CA ALA B 420 1.90 28.78 8.91
C ALA B 420 0.40 28.57 8.81
N ARG B 421 -0.30 29.60 8.37
CA ARG B 421 -1.72 29.46 8.02
C ARG B 421 -1.78 29.01 6.57
N VAL B 422 -2.34 27.83 6.34
CA VAL B 422 -2.32 27.19 5.04
C VAL B 422 -3.75 27.01 4.56
N TYR B 423 -4.00 27.37 3.30
CA TYR B 423 -5.28 27.08 2.65
C TYR B 423 -5.00 26.24 1.40
N ALA B 424 -5.80 25.19 1.19
CA ALA B 424 -5.59 24.23 0.13
C ALA B 424 -6.84 24.03 -0.70
N TYR B 425 -6.64 23.81 -2.01
CA TYR B 425 -7.76 23.67 -2.94
C TYR B 425 -7.45 22.53 -3.89
N VAL B 426 -8.52 21.95 -4.45
CA VAL B 426 -8.44 21.11 -5.63
C VAL B 426 -9.36 21.75 -6.67
N PHE B 427 -8.78 22.08 -7.82
CA PHE B 427 -9.49 22.76 -8.90
C PHE B 427 -10.07 21.72 -9.84
N GLU B 428 -11.40 21.71 -10.00
CA GLU B 428 -12.10 20.57 -10.60
C GLU B 428 -12.92 20.93 -11.82
N HIS B 429 -12.80 22.14 -12.33
CA HIS B 429 -13.56 22.52 -13.51
C HIS B 429 -12.73 22.31 -14.77
N ARG B 430 -13.32 21.60 -15.73
CA ARG B 430 -12.72 21.42 -17.04
C ARG B 430 -13.29 22.49 -17.96
N ALA B 431 -12.42 23.34 -18.51
CA ALA B 431 -12.86 24.49 -19.30
C ALA B 431 -13.61 24.03 -20.54
N SER B 432 -14.73 24.71 -20.83
CA SER B 432 -15.48 24.40 -22.05
C SER B 432 -14.62 24.50 -23.30
N THR B 433 -13.61 25.36 -23.28
CA THR B 433 -12.76 25.56 -24.45
C THR B 433 -11.60 24.58 -24.52
N LEU B 434 -11.47 23.68 -23.56
CA LEU B 434 -10.26 22.86 -23.49
C LEU B 434 -10.14 22.00 -24.75
N SER B 435 -8.96 22.00 -25.34
CA SER B 435 -8.71 21.27 -26.59
C SER B 435 -8.10 19.89 -26.40
N TRP B 436 -7.62 19.55 -25.20
CA TRP B 436 -7.09 18.21 -24.92
C TRP B 436 -8.24 17.21 -24.82
N PRO B 437 -7.97 15.92 -25.03
CA PRO B 437 -9.06 14.93 -25.08
C PRO B 437 -9.77 14.79 -23.74
N LEU B 438 -11.01 14.30 -23.80
CA LEU B 438 -11.83 14.16 -22.60
C LEU B 438 -11.15 13.30 -21.53
N TRP B 439 -10.40 12.26 -21.92
CA TRP B 439 -9.86 11.36 -20.89
C TRP B 439 -8.79 12.01 -20.00
N MET B 440 -8.26 13.17 -20.37
CA MET B 440 -7.26 13.83 -19.54
C MET B 440 -7.88 14.61 -18.38
N GLY B 441 -9.18 14.79 -18.38
CA GLY B 441 -9.83 15.42 -17.22
C GLY B 441 -9.53 16.90 -17.17
N VAL B 442 -9.15 17.37 -15.98
CA VAL B 442 -8.67 18.73 -15.77
C VAL B 442 -7.14 18.66 -15.70
N PRO B 443 -6.44 18.94 -16.80
CA PRO B 443 -4.99 18.67 -16.83
C PRO B 443 -4.19 19.80 -16.19
N HIS B 444 -2.93 19.47 -15.95
CA HIS B 444 -1.97 20.37 -15.34
C HIS B 444 -1.93 21.70 -16.07
N GLY B 445 -2.12 22.78 -15.32
CA GLY B 445 -1.99 24.10 -15.86
C GLY B 445 -3.28 24.78 -16.25
N TYR B 446 -4.39 24.05 -16.29
CA TYR B 446 -5.61 24.60 -16.86
C TYR B 446 -6.51 25.26 -15.84
N GLU B 447 -5.98 25.55 -14.65
CA GLU B 447 -6.66 26.47 -13.74
C GLU B 447 -6.22 27.91 -13.98
N ILE B 448 -5.05 28.11 -14.60
CA ILE B 448 -4.42 29.42 -14.64
C ILE B 448 -5.33 30.43 -15.33
N GLU B 449 -5.88 30.03 -16.49
CA GLU B 449 -6.70 30.95 -17.26
C GLU B 449 -7.86 31.48 -16.44
N PHE B 450 -8.35 30.70 -15.46
CA PHE B 450 -9.43 31.19 -14.62
C PHE B 450 -8.93 32.14 -13.54
N ILE B 451 -7.75 31.88 -12.99
CA ILE B 451 -7.20 32.77 -11.96
C ILE B 451 -6.89 34.15 -12.54
N PHE B 452 -6.45 34.21 -13.79
CA PHE B 452 -6.16 35.48 -14.44
C PHE B 452 -7.39 36.12 -15.08
N GLY B 453 -8.54 35.43 -15.08
CA GLY B 453 -9.77 36.00 -15.60
C GLY B 453 -9.92 36.04 -17.10
N ILE B 454 -9.12 35.25 -17.83
CA ILE B 454 -9.17 35.16 -19.29
C ILE B 454 -10.59 34.98 -19.79
N PRO B 455 -11.50 34.26 -19.10
CA PRO B 455 -12.90 34.19 -19.60
C PRO B 455 -13.58 35.55 -19.74
N LEU B 456 -13.11 36.60 -19.06
CA LEU B 456 -13.73 37.91 -19.22
C LEU B 456 -13.42 38.56 -20.57
N ASP B 457 -12.40 38.09 -21.25
CA ASP B 457 -12.01 38.52 -22.58
C ASP B 457 -13.18 38.29 -23.53
N PRO B 458 -13.81 39.35 -24.06
CA PRO B 458 -14.96 39.14 -24.95
C PRO B 458 -14.59 38.43 -26.23
N SER B 459 -13.36 38.63 -26.72
CA SER B 459 -12.83 37.91 -27.87
C SER B 459 -12.99 36.40 -27.76
N ARG B 460 -13.13 35.86 -26.55
CA ARG B 460 -13.12 34.41 -26.35
C ARG B 460 -14.52 33.89 -26.05
N ASN B 461 -14.62 32.56 -26.04
CA ASN B 461 -15.93 31.93 -26.13
C ASN B 461 -16.21 31.09 -24.88
N TYR B 462 -15.98 31.65 -23.69
CA TYR B 462 -16.33 30.95 -22.47
C TYR B 462 -17.82 31.13 -22.16
N THR B 463 -18.35 30.23 -21.34
CA THR B 463 -19.74 30.35 -20.94
C THR B 463 -19.88 31.43 -19.88
N ALA B 464 -21.11 31.89 -19.69
CA ALA B 464 -21.37 32.90 -18.68
C ALA B 464 -21.05 32.39 -17.28
N GLU B 465 -21.34 31.12 -17.01
CA GLU B 465 -21.01 30.56 -15.69
C GLU B 465 -19.51 30.55 -15.46
N GLU B 466 -18.71 30.26 -16.51
CA GLU B 466 -17.26 30.32 -16.38
C GLU B 466 -16.78 31.74 -16.09
N LYS B 467 -17.46 32.76 -16.63
CA LYS B 467 -17.14 34.15 -16.27
C LYS B 467 -17.42 34.39 -14.79
N ILE B 468 -18.57 33.93 -14.30
CA ILE B 468 -18.89 34.01 -12.87
C ILE B 468 -17.80 33.32 -12.05
N PHE B 469 -17.39 32.14 -12.51
CA PHE B 469 -16.42 31.33 -11.77
C PHE B 469 -15.04 32.00 -11.74
N ALA B 470 -14.57 32.54 -12.87
CA ALA B 470 -13.32 33.29 -12.86
C ALA B 470 -13.36 34.47 -11.91
N GLN B 471 -14.49 35.19 -11.87
CA GLN B 471 -14.61 36.31 -10.95
C GLN B 471 -14.52 35.83 -9.50
N ARG B 472 -15.12 34.67 -9.21
CA ARG B 472 -15.02 34.07 -7.87
C ARG B 472 -13.56 33.75 -7.52
N LEU B 473 -12.84 33.12 -8.45
CA LEU B 473 -11.47 32.75 -8.15
C LEU B 473 -10.57 33.97 -7.99
N MET B 474 -10.75 34.97 -8.86
CA MET B 474 -9.97 36.20 -8.74
C MET B 474 -10.17 36.85 -7.37
N ARG B 475 -11.42 36.80 -6.85
CA ARG B 475 -11.69 37.38 -5.53
C ARG B 475 -10.93 36.63 -4.44
N TYR B 476 -10.95 35.29 -4.49
CA TYR B 476 -10.25 34.47 -3.52
C TYR B 476 -8.78 34.81 -3.49
N TRP B 477 -8.14 34.80 -4.68
CA TRP B 477 -6.71 35.08 -4.76
C TRP B 477 -6.41 36.48 -4.24
N ALA B 478 -7.21 37.47 -4.65
CA ALA B 478 -6.95 38.83 -4.19
C ALA B 478 -7.23 38.98 -2.70
N ASN B 479 -8.30 38.35 -2.21
CA ASN B 479 -8.57 38.35 -0.78
C ASN B 479 -7.38 37.79 0.00
N PHE B 480 -6.81 36.69 -0.49
CA PHE B 480 -5.64 36.14 0.15
C PHE B 480 -4.47 37.13 0.10
N ALA B 481 -4.27 37.79 -1.05
CA ALA B 481 -3.15 38.75 -1.16
C ALA B 481 -3.32 39.93 -0.20
N ARG B 482 -4.54 40.48 -0.07
CA ARG B 482 -4.72 41.63 0.81
C ARG B 482 -4.75 41.25 2.28
N THR B 483 -5.23 40.06 2.64
CA THR B 483 -5.47 39.75 4.05
C THR B 483 -4.80 38.48 4.55
N GLY B 484 -4.25 37.64 3.68
CA GLY B 484 -3.75 36.34 4.07
C GLY B 484 -4.81 35.27 4.19
N ASP B 485 -6.02 35.55 3.73
CA ASP B 485 -7.20 34.74 3.98
C ASP B 485 -8.15 34.91 2.79
N PRO B 486 -8.43 33.84 2.03
CA PRO B 486 -9.28 33.99 0.83
C PRO B 486 -10.74 34.28 1.12
N ASN B 487 -11.21 34.14 2.36
CA ASN B 487 -12.63 34.30 2.66
C ASN B 487 -13.04 35.77 2.64
N GLU B 488 -14.33 36.01 2.28
CA GLU B 488 -14.91 37.34 2.13
C GLU B 488 -15.25 37.99 3.46
N PRO B 489 -14.57 39.11 3.79
CA PRO B 489 -14.70 39.94 4.99
C PRO B 489 -16.15 40.27 5.36
N PRO B 492 -19.70 36.17 4.81
CA PRO B 492 -21.11 36.35 5.21
C PRO B 492 -21.97 35.07 5.09
N LYS B 493 -22.95 35.11 4.18
CA LYS B 493 -23.80 33.97 3.87
C LYS B 493 -23.17 33.02 2.87
N ALA B 494 -21.86 33.12 2.64
CA ALA B 494 -21.04 32.34 1.72
C ALA B 494 -20.27 31.26 2.45
N PRO B 495 -20.25 30.04 1.90
CA PRO B 495 -19.59 28.92 2.59
C PRO B 495 -18.09 29.19 2.77
N GLN B 496 -17.58 28.81 3.93
CA GLN B 496 -16.27 29.25 4.35
C GLN B 496 -15.20 28.24 3.96
N TRP B 497 -14.00 28.74 3.74
CA TRP B 497 -12.85 27.93 3.34
C TRP B 497 -11.95 27.76 4.54
N PRO B 498 -11.87 26.58 5.16
CA PRO B 498 -11.14 26.45 6.43
C PRO B 498 -9.66 26.26 6.18
N PRO B 499 -8.82 26.66 7.13
CA PRO B 499 -7.39 26.35 7.02
C PRO B 499 -7.11 24.85 6.90
N TYR B 500 -6.08 24.54 6.12
CA TYR B 500 -5.57 23.18 6.01
C TYR B 500 -4.61 22.90 7.16
N THR B 501 -4.75 21.74 7.78
CA THR B 501 -3.93 21.33 8.91
C THR B 501 -3.47 19.89 8.70
N ALA B 502 -2.35 19.54 9.33
CA ALA B 502 -1.80 18.19 9.18
C ALA B 502 -2.76 17.10 9.66
N GLY B 503 -3.59 17.38 10.68
CA GLY B 503 -4.56 16.41 11.14
C GLY B 503 -5.86 16.36 10.35
N ALA B 504 -6.63 17.45 10.34
CA ALA B 504 -7.90 17.42 9.62
C ALA B 504 -7.71 17.41 8.10
N GLN B 505 -6.62 18.02 7.60
CA GLN B 505 -6.27 17.99 6.17
C GLN B 505 -7.43 18.45 5.28
N GLN B 506 -8.12 19.51 5.71
CA GLN B 506 -9.25 20.02 4.93
C GLN B 506 -8.78 20.91 3.78
N TYR B 507 -9.50 20.82 2.65
CA TYR B 507 -9.31 21.64 1.46
C TYR B 507 -10.68 21.86 0.83
N VAL B 508 -10.76 22.75 -0.15
CA VAL B 508 -12.03 22.97 -0.84
C VAL B 508 -11.89 22.64 -2.32
N SER B 509 -13.00 22.17 -2.91
CA SER B 509 -13.11 22.00 -4.33
C SER B 509 -13.48 23.33 -5.00
N LEU B 510 -12.79 23.66 -6.08
CA LEU B 510 -13.09 24.85 -6.85
C LEU B 510 -13.71 24.39 -8.17
N ASP B 511 -15.00 24.68 -8.34
CA ASP B 511 -15.67 24.47 -9.63
C ASP B 511 -16.91 25.34 -9.66
N LEU B 512 -17.82 25.06 -10.59
CA LEU B 512 -18.99 25.90 -10.77
C LEU B 512 -19.96 25.83 -9.60
N ARG B 513 -19.85 24.78 -8.76
CA ARG B 513 -20.69 24.65 -7.58
C ARG B 513 -20.04 25.40 -6.41
N PRO B 514 -20.78 25.67 -5.34
CA PRO B 514 -20.18 26.34 -4.18
C PRO B 514 -19.06 25.52 -3.57
N LEU B 515 -18.22 26.21 -2.79
CA LEU B 515 -17.16 25.54 -2.04
C LEU B 515 -17.71 24.30 -1.36
N GLU B 516 -16.97 23.21 -1.48
CA GLU B 516 -17.25 21.95 -0.80
C GLU B 516 -15.99 21.57 -0.04
N VAL B 517 -16.12 21.37 1.27
CA VAL B 517 -14.97 21.02 2.11
C VAL B 517 -14.76 19.52 2.08
N ARG B 518 -13.52 19.09 1.83
CA ARG B 518 -13.17 17.67 1.83
C ARG B 518 -11.90 17.47 2.63
N ARG B 519 -11.54 16.20 2.84
CA ARG B 519 -10.44 15.83 3.73
C ARG B 519 -9.39 15.04 2.95
N GLY B 520 -8.13 15.47 3.06
CA GLY B 520 -7.04 14.65 2.55
C GLY B 520 -6.67 14.85 1.10
N LEU B 521 -5.45 15.30 0.84
CA LEU B 521 -4.92 15.44 -0.51
C LEU B 521 -4.30 14.10 -0.90
N ARG B 522 -5.14 13.20 -1.44
N ARG B 522 -5.16 13.21 -1.41
CA ARG B 522 -4.73 11.82 -1.75
CA ARG B 522 -4.80 11.81 -1.73
C ARG B 522 -3.92 11.19 -0.62
C ARG B 522 -3.93 11.21 -0.62
N ALA B 523 -4.49 11.20 0.59
CA ALA B 523 -3.70 10.89 1.78
C ALA B 523 -3.10 9.48 1.75
N GLN B 524 -3.88 8.47 1.31
CA GLN B 524 -3.35 7.11 1.24
C GLN B 524 -2.19 7.02 0.26
N ALA B 525 -2.38 7.57 -0.95
CA ALA B 525 -1.29 7.59 -1.92
C ALA B 525 -0.09 8.37 -1.39
N CYS B 526 -0.34 9.52 -0.78
CA CYS B 526 0.77 10.39 -0.43
C CYS B 526 1.52 9.91 0.80
N ALA B 527 0.91 9.08 1.65
CA ALA B 527 1.66 8.41 2.71
C ALA B 527 2.71 7.50 2.11
N PHE B 528 2.39 6.89 0.97
CA PHE B 528 3.38 6.06 0.29
C PHE B 528 4.56 6.91 -0.19
N TRP B 529 4.29 8.02 -0.88
CA TRP B 529 5.38 8.80 -1.47
C TRP B 529 6.14 9.60 -0.42
N ASN B 530 5.45 10.10 0.61
CA ASN B 530 6.12 11.00 1.54
C ASN B 530 6.67 10.31 2.78
N ARG B 531 6.09 9.18 3.20
CA ARG B 531 6.52 8.52 4.43
C ARG B 531 7.25 7.22 4.18
N PHE B 532 6.71 6.35 3.32
CA PHE B 532 7.32 5.03 3.21
C PHE B 532 8.42 4.97 2.16
N LEU B 533 8.13 5.41 0.93
CA LEU B 533 9.12 5.30 -0.16
C LEU B 533 10.48 5.90 0.18
N PRO B 534 10.59 7.05 0.85
CA PRO B 534 11.93 7.51 1.23
C PRO B 534 12.71 6.50 2.06
N LYS B 535 12.06 5.85 3.04
CA LYS B 535 12.74 4.81 3.83
C LYS B 535 13.20 3.66 2.95
N LEU B 536 12.35 3.24 2.00
CA LEU B 536 12.74 2.14 1.11
C LEU B 536 13.97 2.50 0.30
N LEU B 537 14.07 3.75 -0.17
CA LEU B 537 15.21 4.16 -1.00
C LEU B 537 16.51 4.24 -0.18
N SER B 538 16.44 4.51 1.12
CA SER B 538 17.63 4.56 1.97
C SER B 538 18.19 3.19 2.35
N ALA B 539 17.38 2.13 2.26
CA ALA B 539 17.81 0.80 2.69
C ALA B 539 18.05 -0.16 1.52
C1 NAG C . -7.79 -3.22 28.57
C2 NAG C . -7.25 -1.81 28.89
C3 NAG C . -5.73 -1.76 28.70
C4 NAG C . -5.04 -2.85 29.50
C5 NAG C . -5.62 -4.20 29.08
C6 NAG C . -5.05 -5.39 29.81
C7 NAG C . -8.77 0.09 28.52
C8 NAG C . -9.03 0.05 30.01
N2 NAG C . -7.90 -0.82 28.06
O3 NAG C . -5.24 -0.49 29.11
O4 NAG C . -3.63 -2.79 29.28
O5 NAG C . -7.04 -4.21 29.31
O6 NAG C . -5.07 -5.17 31.22
O7 NAG C . -9.32 0.90 27.78
C1 NAG C . -2.83 -2.94 30.50
C2 NAG C . -1.46 -3.56 30.12
C3 NAG C . -0.57 -3.71 31.36
C4 NAG C . -0.49 -2.39 32.14
C5 NAG C . -1.91 -1.90 32.44
C6 NAG C . -1.96 -0.59 33.20
C7 NAG C . -1.46 -5.09 28.19
C8 NAG C . -1.74 -6.49 27.72
N2 NAG C . -1.68 -4.87 29.49
O3 NAG C . 0.74 -4.09 30.96
O4 NAG C . 0.22 -2.59 33.36
O5 NAG C . -2.62 -1.70 31.21
O6 NAG C . -3.13 -0.51 33.98
O7 NAG C . -1.07 -4.22 27.43
C1 FUC C . -5.60 -6.29 31.96
C2 FUC C . -5.20 -5.92 33.38
C3 FUC C . -5.93 -4.62 33.74
C4 FUC C . -7.46 -4.85 33.71
C5 FUC C . -7.87 -5.36 32.28
C6 FUC C . -9.35 -5.78 32.12
O2 FUC C . -3.79 -5.78 33.49
O3 FUC C . -5.56 -4.14 35.05
O4 FUC C . -7.83 -5.78 34.72
O5 FUC C . -7.02 -6.49 31.82
C1 NAG D . -2.86 5.24 -29.34
C2 NAG D . -2.80 3.79 -29.84
C3 NAG D . -1.45 3.16 -29.51
C4 NAG D . -0.33 3.99 -30.12
C5 NAG D . -0.43 5.42 -29.57
C6 NAG D . 0.58 6.37 -30.18
C7 NAG D . -4.81 2.42 -30.11
C8 NAG D . -4.62 2.61 -31.59
N2 NAG D . -3.91 3.00 -29.32
O3 NAG D . -1.41 1.82 -29.99
O4 NAG D . 0.91 3.34 -29.84
O5 NAG D . -1.72 5.98 -29.86
O6 NAG D . 0.57 6.27 -31.60
O7 NAG D . -5.73 1.75 -29.66
C1 NAG D . 1.85 3.29 -30.96
C2 NAG D . 3.25 3.43 -30.37
C3 NAG D . 4.32 3.46 -31.47
C4 NAG D . 4.16 2.26 -32.39
C5 NAG D . 2.73 2.16 -32.91
C6 NAG D . 2.51 0.94 -33.78
C7 NAG D . 3.57 4.49 -28.19
C8 NAG D . 3.71 3.09 -27.66
N2 NAG D . 3.36 4.60 -29.50
O3 NAG D . 5.62 3.49 -30.90
O4 NAG D . 5.08 2.34 -33.48
O5 NAG D . 1.80 2.10 -31.82
O6 NAG D . 1.30 0.26 -33.46
O7 NAG D . 3.64 5.47 -27.46
C1 FUC D . 0.22 7.52 -32.25
C2 FUC D . 0.68 7.36 -33.69
C3 FUC D . -0.14 6.24 -34.35
C4 FUC D . -1.63 6.64 -34.36
C5 FUC D . -2.10 6.93 -32.90
C6 FUC D . -3.50 7.51 -32.78
O2 FUC D . 2.06 7.07 -33.79
O3 FUC D . 0.28 6.01 -35.70
O4 FUC D . -1.82 7.79 -35.18
O5 FUC D . -1.18 7.84 -32.18
O1 PE8 E . 30.71 24.44 -0.49
C2 PE8 E . 30.97 23.27 -1.23
C3 PE8 E . 30.08 23.20 -2.47
O4 PE8 E . 30.27 24.35 -3.26
C5 PE8 E . 29.11 24.87 -3.82
C6 PE8 E . 29.39 26.26 -4.39
O7 PE8 E . 28.51 27.22 -3.84
C8 PE8 E . 29.02 28.52 -3.87
C9 PE8 E . 28.59 29.42 -2.71
O10 PE8 E . 28.44 28.72 -1.50
C11 PE8 E . 28.27 29.57 -0.40
C12 PE8 E . 27.39 28.86 0.64
O13 PE8 E . 27.87 27.58 0.92
C14 PE8 E . 27.35 27.10 2.14
C15 PE8 E . 27.99 25.76 2.49
O16 PE8 E . 27.92 24.89 1.40
C17 PE8 E . 27.76 23.56 1.80
C18 PE8 E . 27.53 22.66 0.60
O19 PE8 E . 26.20 22.27 0.64
C20 PE8 E . 25.91 21.10 -0.08
C21 PE8 E . 24.43 20.76 0.13
O22 PE8 E . 24.12 20.93 1.48
C23 PE8 E . 23.40 19.85 2.03
C24 PE8 E . 23.18 20.06 3.52
O25 PE8 E . 23.50 18.88 4.21
#